data_1SA5
#
_entry.id   1SA5
#
_cell.length_a   170.469
_cell.length_b   170.469
_cell.length_c   69.028
_cell.angle_alpha   90.00
_cell.angle_beta   90.00
_cell.angle_gamma   120.00
#
_symmetry.space_group_name_H-M   'P 61'
#
loop_
_entity.id
_entity.type
_entity.pdbx_description
1 polymer 'Protein farnesyltransferase/geranylgeranyltransferase type I alpha subunit'
2 polymer 'Protein farnesyltransferase beta subunit'
3 non-polymer 'ZINC ION'
4 non-polymer 'FARNESYL DIPHOSPHATE'
5 non-polymer 3-BENZYL-1-(1H-IMIDAZOL-4-YLMETHYL)-4-(THIEN-2-YLSULFONYL)-2,3,4,5-TETRAHYDRO-1H-1,4-BENZODIAZEPINE-7-CARBONITRILE
6 non-polymer 'ACETIC ACID'
7 water water
#
loop_
_entity_poly.entity_id
_entity_poly.type
_entity_poly.pdbx_seq_one_letter_code
_entity_poly.pdbx_strand_id
1 'polypeptide(L)'
;MAATEGVGESAPGGEPGQPEQPPPPPPPPPAQQPQEEEMAAEAGEAAASPMDDGFLSLDSPTYVLYRDRAEWADIDPVPQ
NDGPSPVVQIIYSEKFRDVYDYFRAVLQRDERSERAFKLTRDAIELNAANYTVWHFRRVLLRSLQKDLQEEMNYIIAIIE
EQPKNYQVWHHRRVLVEWLKDPSQELEFIADILNQDAKNYHAWQHRQWVIQEFRLWDNELQYVDQLLKEDVRNNSVWNQR
HFVISNTTGYSDRAVLEREVQYTLEMIKLVPHNESAWNYLKGILQDRGLSRYPNLLNQLLDLQPSHSSPYLIAFLVDIYE
DMLENQCDNKEDILNKALELCEILAKEKDTIRKEYWRYIGRSLQSKHSRESDIPASV
;
A
2 'polypeptide(L)'
;MASSSSFTYYCPPSSSPVWSEPLYSLRPEHARERLQDDSVETVTSIEQAKVEEKIQEVFSSYKFNHLVPRLVLQREKHFH
YLKRGLRQLTDAYECLDASRPWLCYWILHSLELLDEPIPQIVATDVCQFLELCQSPDGGFGGGPGQYPHLAPTYAAVNAL
CIIGTEEAYNVINREKLLQYLYSLKQPDGSFLMHVGGEVDVRSAYCAASVASLTNIITPDLFEGTAEWIARCQNWEGGIG
GVPGMEAHGGYTFCGLAALVILKKERSLNLKSLLQWVTSRQMRFEGGFQGRCNKLVDGCYSFWQAGLLPLLHRALHAQGD
PALSMSHWMFHQQALQEYILMCCQCPAGGLLDKPGKSRDFYHTCYCLSGLSIAQHFGSGAMLHDVVMGVPENVLQPTHPV
YNIGPDKVIQATTHFLQKPVPGFEECEDAVTSDPATD
;
B
#
loop_
_chem_comp.id
_chem_comp.type
_chem_comp.name
_chem_comp.formula
ACY non-polymer 'ACETIC ACID' 'C2 H4 O2'
BMV non-polymer 3-BENZYL-1-(1H-IMIDAZOL-4-YLMETHYL)-4-(THIEN-2-YLSULFONYL)-2,3,4,5-TETRAHYDRO-1H-1,4-BENZODIAZEPINE-7-CARBONITRILE 'C25 H23 N5 O2 S2'
FPP non-polymer 'FARNESYL DIPHOSPHATE' 'C15 H28 O7 P2'
ZN non-polymer 'ZINC ION' 'Zn 2'
#
# COMPACT_ATOMS: atom_id res chain seq x y z
N PHE A 55 -33.73 -0.73 19.43
CA PHE A 55 -34.14 -0.94 18.00
C PHE A 55 -34.51 0.38 17.33
N LEU A 56 -33.61 1.35 17.40
CA LEU A 56 -33.85 2.67 16.82
C LEU A 56 -32.63 3.13 16.01
N SER A 57 -32.71 2.96 14.69
CA SER A 57 -31.63 3.33 13.77
C SER A 57 -30.94 4.65 14.09
N LEU A 58 -29.64 4.68 13.84
CA LEU A 58 -28.80 5.84 14.08
C LEU A 58 -29.20 6.98 13.17
N ASP A 59 -29.96 6.66 12.13
CA ASP A 59 -30.40 7.67 11.18
C ASP A 59 -31.91 7.91 11.19
N SER A 60 -32.58 7.28 12.14
CA SER A 60 -34.02 7.45 12.27
C SER A 60 -34.33 8.89 12.64
N PRO A 61 -35.38 9.48 12.06
CA PRO A 61 -35.72 10.87 12.39
C PRO A 61 -36.08 11.05 13.87
N THR A 62 -36.58 9.98 14.50
CA THR A 62 -36.96 10.01 15.92
C THR A 62 -35.88 9.48 16.84
N TYR A 63 -34.65 9.40 16.33
CA TYR A 63 -33.52 8.91 17.11
C TYR A 63 -33.28 9.85 18.29
N VAL A 64 -33.00 9.28 19.45
CA VAL A 64 -32.77 10.04 20.68
C VAL A 64 -31.38 9.73 21.24
N LEU A 65 -30.68 10.75 21.74
CA LEU A 65 -29.36 10.54 22.33
C LEU A 65 -29.52 9.58 23.51
N TYR A 66 -28.46 8.84 23.84
CA TYR A 66 -28.54 7.89 24.95
C TYR A 66 -28.75 8.53 26.32
N ARG A 67 -28.24 9.75 26.51
CA ARG A 67 -28.43 10.41 27.79
C ARG A 67 -29.90 10.78 28.00
N ASP A 68 -30.70 10.72 26.95
CA ASP A 68 -32.12 11.06 27.05
C ASP A 68 -33.01 9.82 27.00
N ARG A 69 -32.43 8.63 27.22
CA ARG A 69 -33.21 7.40 27.19
C ARG A 69 -33.44 6.83 28.57
N ALA A 70 -34.70 6.61 28.89
CA ALA A 70 -35.12 6.09 30.19
C ALA A 70 -34.37 4.82 30.57
N GLU A 71 -34.38 3.84 29.68
CA GLU A 71 -33.73 2.57 29.94
C GLU A 71 -32.23 2.63 30.19
N TRP A 72 -31.64 3.82 30.07
CA TRP A 72 -30.21 3.96 30.30
C TRP A 72 -29.90 4.90 31.45
N ALA A 73 -30.94 5.28 32.20
CA ALA A 73 -30.78 6.21 33.32
C ALA A 73 -29.83 5.75 34.42
N ASP A 74 -29.71 4.44 34.59
CA ASP A 74 -28.86 3.87 35.62
C ASP A 74 -27.37 3.96 35.36
N ILE A 75 -27.01 4.15 34.10
CA ILE A 75 -25.61 4.22 33.69
C ILE A 75 -25.02 5.62 33.64
N ASP A 76 -23.81 5.77 34.17
CA ASP A 76 -23.12 7.06 34.10
C ASP A 76 -22.19 6.93 32.91
N PRO A 77 -22.32 7.82 31.92
CA PRO A 77 -21.45 7.74 30.76
C PRO A 77 -20.01 7.96 31.19
N VAL A 78 -19.06 7.35 30.50
CA VAL A 78 -17.66 7.52 30.84
C VAL A 78 -17.03 8.39 29.76
N PRO A 79 -16.84 9.69 30.03
CA PRO A 79 -16.24 10.56 29.02
C PRO A 79 -14.84 10.07 28.65
N GLN A 80 -14.35 10.48 27.49
CA GLN A 80 -13.03 10.05 27.03
C GLN A 80 -11.86 10.73 27.75
N ASN A 81 -10.93 9.91 28.21
CA ASN A 81 -9.74 10.36 28.93
C ASN A 81 -8.63 10.90 28.02
N ASP A 82 -8.88 12.05 27.40
CA ASP A 82 -7.92 12.69 26.50
C ASP A 82 -6.83 13.46 27.22
N GLY A 83 -6.93 13.56 28.54
CA GLY A 83 -5.94 14.28 29.31
C GLY A 83 -6.17 15.78 29.45
N PRO A 84 -5.21 16.49 30.08
CA PRO A 84 -5.24 17.93 30.33
C PRO A 84 -5.19 18.80 29.07
N SER A 85 -4.21 18.55 28.21
CA SER A 85 -4.05 19.31 26.97
C SER A 85 -3.89 18.36 25.79
N PRO A 86 -5.01 18.00 25.17
CA PRO A 86 -5.15 17.09 24.02
C PRO A 86 -4.41 17.47 22.74
N VAL A 87 -4.11 16.45 21.95
CA VAL A 87 -3.47 16.61 20.65
C VAL A 87 -4.39 15.82 19.72
N VAL A 88 -4.36 16.15 18.43
CA VAL A 88 -5.23 15.48 17.47
C VAL A 88 -6.58 15.17 18.09
N GLN A 89 -7.12 16.15 18.81
CA GLN A 89 -8.42 16.02 19.45
C GLN A 89 -9.51 16.24 18.44
N ILE A 90 -10.39 15.26 18.28
CA ILE A 90 -11.47 15.37 17.32
C ILE A 90 -12.71 16.01 17.94
N ILE A 91 -13.25 17.03 17.30
CA ILE A 91 -14.43 17.70 17.80
C ILE A 91 -15.65 16.90 17.35
N TYR A 92 -15.97 15.86 18.10
CA TYR A 92 -17.10 15.00 17.77
C TYR A 92 -18.42 15.73 17.74
N SER A 93 -19.37 15.13 17.02
CA SER A 93 -20.71 15.66 16.95
C SER A 93 -21.37 15.21 18.25
N GLU A 94 -22.52 15.79 18.58
CA GLU A 94 -23.20 15.42 19.80
C GLU A 94 -23.56 13.94 19.80
N LYS A 95 -24.05 13.43 18.67
CA LYS A 95 -24.44 12.02 18.56
C LYS A 95 -23.28 11.07 18.79
N PHE A 96 -22.16 11.36 18.15
CA PHE A 96 -20.98 10.51 18.24
C PHE A 96 -20.48 10.39 19.67
N ARG A 97 -20.22 11.53 20.30
CA ARG A 97 -19.71 11.57 21.67
C ARG A 97 -20.68 10.90 22.64
N ASP A 98 -21.99 11.07 22.39
CA ASP A 98 -23.01 10.49 23.25
C ASP A 98 -22.93 8.96 23.20
N VAL A 99 -22.89 8.40 21.98
CA VAL A 99 -22.82 6.96 21.84
C VAL A 99 -21.55 6.38 22.44
N TYR A 100 -20.41 6.99 22.14
CA TYR A 100 -19.16 6.46 22.67
C TYR A 100 -18.96 6.69 24.16
N ASP A 101 -19.65 7.67 24.74
CA ASP A 101 -19.55 7.90 26.17
C ASP A 101 -20.24 6.73 26.86
N TYR A 102 -21.32 6.23 26.25
CA TYR A 102 -22.02 5.10 26.81
C TYR A 102 -21.34 3.80 26.45
N PHE A 103 -20.69 3.76 25.29
CA PHE A 103 -19.98 2.54 24.94
C PHE A 103 -18.86 2.36 25.98
N ARG A 104 -18.15 3.45 26.26
CA ARG A 104 -17.07 3.42 27.24
C ARG A 104 -17.57 2.90 28.59
N ALA A 105 -18.81 3.21 28.92
CA ALA A 105 -19.36 2.76 30.18
C ALA A 105 -19.62 1.26 30.16
N VAL A 106 -20.33 0.78 29.15
CA VAL A 106 -20.59 -0.65 29.08
C VAL A 106 -19.31 -1.46 29.02
N LEU A 107 -18.36 -1.00 28.22
CA LEU A 107 -17.09 -1.70 28.07
C LEU A 107 -16.39 -1.77 29.42
N GLN A 108 -16.35 -0.63 30.10
CA GLN A 108 -15.71 -0.55 31.41
C GLN A 108 -16.30 -1.52 32.44
N ARG A 109 -17.63 -1.57 32.53
CA ARG A 109 -18.32 -2.46 33.44
C ARG A 109 -18.39 -3.85 32.82
N ASP A 110 -17.91 -3.98 31.60
CA ASP A 110 -18.00 -5.25 30.87
C ASP A 110 -19.41 -5.80 31.05
N GLU A 111 -20.39 -4.93 30.79
CA GLU A 111 -21.79 -5.31 30.89
C GLU A 111 -22.21 -6.07 29.64
N ARG A 112 -22.49 -7.36 29.81
CA ARG A 112 -22.88 -8.16 28.67
C ARG A 112 -24.39 -8.28 28.64
N SER A 113 -25.00 -7.23 28.11
CA SER A 113 -26.45 -7.14 28.02
C SER A 113 -26.97 -6.87 26.62
N GLU A 114 -28.26 -7.13 26.47
CA GLU A 114 -28.96 -6.94 25.21
C GLU A 114 -28.91 -5.48 24.78
N ARG A 115 -28.94 -4.57 25.75
CA ARG A 115 -28.90 -3.15 25.43
C ARG A 115 -27.49 -2.75 25.02
N ALA A 116 -26.49 -3.42 25.59
CA ALA A 116 -25.11 -3.12 25.24
C ALA A 116 -24.92 -3.57 23.79
N PHE A 117 -25.48 -4.73 23.48
CA PHE A 117 -25.40 -5.27 22.15
C PHE A 117 -25.95 -4.28 21.14
N LYS A 118 -27.15 -3.78 21.40
CA LYS A 118 -27.75 -2.81 20.49
C LYS A 118 -26.89 -1.54 20.39
N LEU A 119 -26.26 -1.15 21.48
CA LEU A 119 -25.43 0.04 21.49
C LEU A 119 -24.24 -0.10 20.53
N THR A 120 -23.65 -1.29 20.47
CA THR A 120 -22.50 -1.50 19.59
C THR A 120 -22.87 -1.29 18.13
N ARG A 121 -24.11 -1.58 17.77
CA ARG A 121 -24.53 -1.37 16.38
C ARG A 121 -24.41 0.11 16.02
N ASP A 122 -24.80 0.99 16.96
CA ASP A 122 -24.73 2.44 16.73
C ASP A 122 -23.29 2.92 16.76
N ALA A 123 -22.48 2.36 17.65
CA ALA A 123 -21.10 2.76 17.74
C ALA A 123 -20.35 2.37 16.47
N ILE A 124 -20.72 1.20 15.92
CA ILE A 124 -20.11 0.70 14.71
C ILE A 124 -20.51 1.55 13.52
N GLU A 125 -21.78 1.95 13.48
CA GLU A 125 -22.24 2.77 12.37
C GLU A 125 -21.61 4.15 12.39
N LEU A 126 -21.27 4.65 13.58
CA LEU A 126 -20.65 5.97 13.68
C LEU A 126 -19.20 5.87 13.22
N ASN A 127 -18.59 4.72 13.47
CA ASN A 127 -17.21 4.50 13.05
C ASN A 127 -16.94 3.00 12.93
N ALA A 128 -17.25 2.45 11.77
CA ALA A 128 -17.06 1.02 11.51
C ALA A 128 -15.61 0.55 11.65
N ALA A 129 -14.68 1.49 11.75
CA ALA A 129 -13.27 1.13 11.88
C ALA A 129 -12.82 0.96 13.33
N ASN A 130 -13.74 1.13 14.28
CA ASN A 130 -13.38 0.98 15.68
C ASN A 130 -13.34 -0.51 16.02
N TYR A 131 -12.17 -1.10 15.89
CA TYR A 131 -11.97 -2.51 16.16
C TYR A 131 -12.29 -2.89 17.61
N THR A 132 -12.10 -1.96 18.56
CA THR A 132 -12.41 -2.25 19.95
C THR A 132 -13.90 -2.54 20.12
N VAL A 133 -14.74 -1.82 19.38
CA VAL A 133 -16.17 -2.05 19.46
C VAL A 133 -16.56 -3.36 18.80
N TRP A 134 -15.90 -3.70 17.69
CA TRP A 134 -16.21 -4.96 17.01
C TRP A 134 -15.85 -6.13 17.93
N HIS A 135 -14.75 -6.01 18.65
CA HIS A 135 -14.34 -7.05 19.56
C HIS A 135 -15.37 -7.24 20.69
N PHE A 136 -15.88 -6.14 21.22
CA PHE A 136 -16.86 -6.23 22.29
C PHE A 136 -18.15 -6.82 21.73
N ARG A 137 -18.48 -6.48 20.49
CA ARG A 137 -19.68 -7.02 19.88
C ARG A 137 -19.59 -8.52 19.73
N ARG A 138 -18.40 -9.02 19.38
CA ARG A 138 -18.25 -10.46 19.23
C ARG A 138 -18.34 -11.13 20.57
N VAL A 139 -17.88 -10.45 21.62
CA VAL A 139 -17.98 -11.00 22.98
C VAL A 139 -19.47 -11.15 23.30
N LEU A 140 -20.25 -10.12 22.99
CA LEU A 140 -21.68 -10.16 23.27
C LEU A 140 -22.41 -11.19 22.43
N LEU A 141 -21.99 -11.38 21.19
CA LEU A 141 -22.62 -12.37 20.32
C LEU A 141 -22.54 -13.74 20.98
N ARG A 142 -21.40 -14.06 21.59
CA ARG A 142 -21.25 -15.35 22.25
C ARG A 142 -21.92 -15.37 23.63
N SER A 143 -21.58 -14.41 24.50
CA SER A 143 -22.19 -14.37 25.83
C SER A 143 -23.70 -14.43 25.76
N LEU A 144 -24.31 -13.61 24.92
CA LEU A 144 -25.75 -13.59 24.80
C LEU A 144 -26.33 -14.68 23.93
N GLN A 145 -25.47 -15.50 23.33
CA GLN A 145 -25.95 -16.57 22.46
C GLN A 145 -26.83 -16.00 21.35
N LYS A 146 -26.34 -14.98 20.66
CA LYS A 146 -27.12 -14.35 19.59
C LYS A 146 -27.16 -15.19 18.32
N ASP A 147 -28.31 -15.15 17.64
CA ASP A 147 -28.49 -15.89 16.39
C ASP A 147 -27.51 -15.36 15.34
N LEU A 148 -26.54 -16.18 14.97
CA LEU A 148 -25.53 -15.77 14.00
C LEU A 148 -25.99 -15.54 12.57
N GLN A 149 -27.12 -16.12 12.17
CA GLN A 149 -27.61 -15.88 10.81
C GLN A 149 -28.19 -14.48 10.78
N GLU A 150 -28.78 -14.06 11.90
CA GLU A 150 -29.34 -12.72 11.99
C GLU A 150 -28.14 -11.76 11.93
N GLU A 151 -27.05 -12.15 12.60
CA GLU A 151 -25.85 -11.33 12.61
C GLU A 151 -25.23 -11.33 11.20
N MET A 152 -25.41 -12.42 10.46
CA MET A 152 -24.90 -12.50 9.09
C MET A 152 -25.71 -11.50 8.27
N ASN A 153 -27.02 -11.45 8.51
CA ASN A 153 -27.88 -10.51 7.79
C ASN A 153 -27.38 -9.10 8.01
N TYR A 154 -26.99 -8.83 9.26
CA TYR A 154 -26.50 -7.52 9.64
C TYR A 154 -25.19 -7.16 8.93
N ILE A 155 -24.20 -8.06 9.00
CA ILE A 155 -22.92 -7.75 8.38
C ILE A 155 -22.98 -7.61 6.86
N ILE A 156 -23.90 -8.31 6.20
CA ILE A 156 -23.91 -8.13 4.76
C ILE A 156 -24.45 -6.72 4.45
N ALA A 157 -25.32 -6.21 5.31
CA ALA A 157 -25.88 -4.87 5.10
C ALA A 157 -24.76 -3.83 5.31
N ILE A 158 -24.01 -3.97 6.40
CA ILE A 158 -22.90 -3.06 6.70
C ILE A 158 -21.84 -3.02 5.60
N ILE A 159 -21.46 -4.20 5.12
CA ILE A 159 -20.46 -4.30 4.06
C ILE A 159 -20.97 -3.66 2.76
N GLU A 160 -22.24 -3.89 2.41
CA GLU A 160 -22.80 -3.28 1.20
C GLU A 160 -22.63 -1.77 1.32
N GLU A 161 -22.79 -1.29 2.54
CA GLU A 161 -22.71 0.14 2.85
C GLU A 161 -21.29 0.71 2.91
N GLN A 162 -20.36 -0.02 3.53
CA GLN A 162 -18.97 0.40 3.66
C GLN A 162 -18.10 -0.79 3.28
N PRO A 163 -18.02 -1.10 1.99
CA PRO A 163 -17.22 -2.24 1.51
C PRO A 163 -15.71 -2.14 1.61
N LYS A 164 -15.18 -0.93 1.75
CA LYS A 164 -13.73 -0.76 1.83
C LYS A 164 -13.20 -0.57 3.23
N ASN A 165 -13.73 -1.36 4.16
CA ASN A 165 -13.34 -1.29 5.55
C ASN A 165 -12.79 -2.66 5.93
N TYR A 166 -11.68 -2.68 6.67
CA TYR A 166 -11.07 -3.95 7.08
C TYR A 166 -11.92 -4.73 8.08
N GLN A 167 -12.40 -4.03 9.10
CA GLN A 167 -13.17 -4.64 10.19
C GLN A 167 -14.45 -5.37 9.82
N VAL A 168 -15.20 -4.89 8.83
CA VAL A 168 -16.44 -5.55 8.45
C VAL A 168 -16.19 -6.89 7.78
N TRP A 169 -15.14 -6.98 6.99
CA TRP A 169 -14.82 -8.23 6.31
C TRP A 169 -14.28 -9.24 7.31
N HIS A 170 -13.44 -8.78 8.23
CA HIS A 170 -12.92 -9.69 9.22
C HIS A 170 -14.04 -10.25 10.09
N HIS A 171 -15.02 -9.40 10.39
CA HIS A 171 -16.16 -9.82 11.20
C HIS A 171 -16.96 -10.90 10.49
N ARG A 172 -17.18 -10.73 9.19
CA ARG A 172 -17.93 -11.70 8.41
C ARG A 172 -17.20 -13.05 8.37
N ARG A 173 -15.88 -12.99 8.26
CA ARG A 173 -15.04 -14.18 8.22
C ARG A 173 -15.20 -14.95 9.52
N VAL A 174 -15.17 -14.23 10.63
CA VAL A 174 -15.34 -14.86 11.94
C VAL A 174 -16.70 -15.56 11.99
N LEU A 175 -17.74 -14.91 11.49
CA LEU A 175 -19.07 -15.50 11.50
C LEU A 175 -19.09 -16.80 10.68
N VAL A 176 -18.63 -16.71 9.43
CA VAL A 176 -18.58 -17.88 8.56
C VAL A 176 -17.85 -19.02 9.27
N GLU A 177 -16.74 -18.70 9.92
CA GLU A 177 -15.97 -19.71 10.67
C GLU A 177 -16.83 -20.34 11.76
N TRP A 178 -17.42 -19.50 12.62
CA TRP A 178 -18.26 -19.99 13.71
C TRP A 178 -19.35 -20.91 13.20
N LEU A 179 -20.08 -20.44 12.20
CA LEU A 179 -21.18 -21.20 11.62
C LEU A 179 -20.71 -22.35 10.76
N LYS A 180 -19.45 -22.28 10.30
CA LYS A 180 -18.92 -23.33 9.44
C LYS A 180 -19.85 -23.45 8.24
N ASP A 181 -20.35 -22.31 7.76
CA ASP A 181 -21.26 -22.28 6.62
C ASP A 181 -20.89 -21.21 5.60
N PRO A 182 -20.39 -21.64 4.43
CA PRO A 182 -19.98 -20.73 3.35
C PRO A 182 -21.01 -20.66 2.23
N SER A 183 -22.19 -21.23 2.48
CA SER A 183 -23.25 -21.29 1.48
C SER A 183 -23.66 -19.96 0.87
N GLN A 184 -23.47 -18.86 1.57
CA GLN A 184 -23.88 -17.55 1.04
C GLN A 184 -22.73 -16.70 0.54
N GLU A 185 -21.49 -17.13 0.81
CA GLU A 185 -20.32 -16.34 0.45
C GLU A 185 -20.04 -15.98 -1.01
N LEU A 186 -20.03 -16.95 -1.91
CA LEU A 186 -19.74 -16.66 -3.30
C LEU A 186 -20.74 -15.71 -3.95
N GLU A 187 -22.01 -15.84 -3.55
CA GLU A 187 -23.04 -15.01 -4.12
C GLU A 187 -22.95 -13.59 -3.58
N PHE A 188 -22.81 -13.47 -2.25
CA PHE A 188 -22.70 -12.16 -1.61
C PHE A 188 -21.51 -11.38 -2.17
N ILE A 189 -20.35 -12.04 -2.24
CA ILE A 189 -19.16 -11.41 -2.76
C ILE A 189 -19.40 -10.98 -4.21
N ALA A 190 -20.06 -11.85 -4.97
CA ALA A 190 -20.36 -11.55 -6.37
C ALA A 190 -21.18 -10.26 -6.45
N ASP A 191 -22.07 -10.03 -5.49
CA ASP A 191 -22.86 -8.81 -5.52
C ASP A 191 -21.98 -7.61 -5.23
N ILE A 192 -21.09 -7.74 -4.24
CA ILE A 192 -20.19 -6.64 -3.93
C ILE A 192 -19.35 -6.35 -5.16
N LEU A 193 -18.72 -7.39 -5.71
CA LEU A 193 -17.88 -7.26 -6.88
C LEU A 193 -18.63 -6.67 -8.08
N ASN A 194 -19.95 -6.86 -8.08
CA ASN A 194 -20.75 -6.32 -9.17
C ASN A 194 -20.88 -4.80 -9.06
N GLN A 195 -20.50 -4.24 -7.91
CA GLN A 195 -20.55 -2.80 -7.70
C GLN A 195 -19.14 -2.23 -7.81
N ASP A 196 -18.15 -3.04 -7.45
CA ASP A 196 -16.74 -2.68 -7.55
C ASP A 196 -15.97 -3.95 -7.85
N ALA A 197 -15.72 -4.21 -9.13
CA ALA A 197 -15.04 -5.41 -9.56
C ALA A 197 -13.62 -5.54 -9.02
N LYS A 198 -13.11 -4.50 -8.38
CA LYS A 198 -11.75 -4.56 -7.89
C LYS A 198 -11.59 -4.44 -6.38
N ASN A 199 -12.69 -4.56 -5.64
CA ASN A 199 -12.62 -4.44 -4.19
C ASN A 199 -11.62 -5.46 -3.62
N TYR A 200 -10.51 -4.96 -3.12
CA TYR A 200 -9.45 -5.79 -2.56
C TYR A 200 -9.92 -6.75 -1.46
N HIS A 201 -10.70 -6.25 -0.50
CA HIS A 201 -11.21 -7.09 0.61
C HIS A 201 -12.14 -8.16 0.07
N ALA A 202 -12.91 -7.82 -0.96
CA ALA A 202 -13.84 -8.77 -1.56
C ALA A 202 -13.10 -9.96 -2.16
N TRP A 203 -12.10 -9.68 -2.97
CA TRP A 203 -11.32 -10.75 -3.58
C TRP A 203 -10.57 -11.57 -2.53
N GLN A 204 -10.12 -10.90 -1.46
CA GLN A 204 -9.39 -11.60 -0.40
C GLN A 204 -10.31 -12.54 0.35
N HIS A 205 -11.53 -12.08 0.60
CA HIS A 205 -12.49 -12.90 1.31
C HIS A 205 -12.85 -14.09 0.41
N ARG A 206 -13.04 -13.80 -0.87
CA ARG A 206 -13.40 -14.82 -1.85
C ARG A 206 -12.34 -15.93 -1.93
N GLN A 207 -11.06 -15.54 -1.91
CA GLN A 207 -10.01 -16.55 -1.97
C GLN A 207 -10.04 -17.39 -0.70
N TRP A 208 -10.17 -16.74 0.45
CA TRP A 208 -10.23 -17.45 1.72
C TRP A 208 -11.35 -18.49 1.71
N VAL A 209 -12.57 -18.05 1.43
CA VAL A 209 -13.71 -18.96 1.40
C VAL A 209 -13.50 -20.15 0.46
N ILE A 210 -13.05 -19.87 -0.76
CA ILE A 210 -12.82 -20.91 -1.75
C ILE A 210 -11.75 -21.90 -1.28
N GLN A 211 -10.67 -21.40 -0.69
CA GLN A 211 -9.62 -22.28 -0.21
C GLN A 211 -10.05 -23.09 1.00
N GLU A 212 -10.46 -22.40 2.05
CA GLU A 212 -10.86 -23.04 3.29
C GLU A 212 -11.98 -24.05 3.14
N PHE A 213 -12.87 -23.83 2.17
CA PHE A 213 -13.99 -24.74 1.96
C PHE A 213 -13.92 -25.52 0.65
N ARG A 214 -12.84 -25.31 -0.10
CA ARG A 214 -12.65 -25.99 -1.37
C ARG A 214 -13.83 -25.82 -2.30
N LEU A 215 -14.10 -24.58 -2.71
CA LEU A 215 -15.21 -24.31 -3.62
C LEU A 215 -14.66 -23.87 -4.96
N TRP A 216 -13.73 -24.65 -5.48
CA TRP A 216 -13.07 -24.37 -6.75
C TRP A 216 -13.90 -24.56 -8.02
N ASP A 217 -14.74 -25.58 -8.00
CA ASP A 217 -15.60 -25.95 -9.12
C ASP A 217 -16.12 -24.90 -10.11
N ASN A 218 -16.55 -23.74 -9.65
CA ASN A 218 -17.07 -22.77 -10.60
C ASN A 218 -16.34 -21.44 -10.69
N GLU A 219 -15.23 -21.29 -9.98
CA GLU A 219 -14.53 -20.01 -10.00
C GLU A 219 -13.96 -19.62 -11.35
N LEU A 220 -13.39 -20.59 -12.07
CA LEU A 220 -12.81 -20.30 -13.37
C LEU A 220 -13.91 -19.75 -14.29
N GLN A 221 -15.10 -20.29 -14.17
CA GLN A 221 -16.22 -19.84 -14.96
C GLN A 221 -16.56 -18.39 -14.59
N TYR A 222 -16.50 -18.10 -13.29
CA TYR A 222 -16.78 -16.76 -12.80
C TYR A 222 -15.72 -15.82 -13.37
N VAL A 223 -14.46 -16.25 -13.29
CA VAL A 223 -13.36 -15.46 -13.82
C VAL A 223 -13.56 -15.13 -15.29
N ASP A 224 -14.03 -16.11 -16.06
CA ASP A 224 -14.25 -15.88 -17.48
C ASP A 224 -15.36 -14.87 -17.71
N GLN A 225 -16.32 -14.85 -16.79
CA GLN A 225 -17.43 -13.90 -16.89
C GLN A 225 -16.93 -12.47 -16.71
N LEU A 226 -16.16 -12.24 -15.65
CA LEU A 226 -15.66 -10.91 -15.38
C LEU A 226 -14.62 -10.43 -16.38
N LEU A 227 -13.80 -11.34 -16.90
CA LEU A 227 -12.80 -10.94 -17.89
C LEU A 227 -13.53 -10.49 -19.15
N LYS A 228 -14.68 -11.10 -19.40
CA LYS A 228 -15.46 -10.71 -20.56
C LYS A 228 -16.00 -9.30 -20.31
N GLU A 229 -16.52 -9.07 -19.10
CA GLU A 229 -17.05 -7.76 -18.73
C GLU A 229 -15.96 -6.68 -18.81
N ASP A 230 -14.77 -7.01 -18.30
CA ASP A 230 -13.65 -6.08 -18.34
C ASP A 230 -12.34 -6.86 -18.38
N VAL A 231 -11.84 -7.08 -19.59
CA VAL A 231 -10.61 -7.83 -19.78
C VAL A 231 -9.39 -7.11 -19.17
N ARG A 232 -9.61 -5.88 -18.72
CA ARG A 232 -8.52 -5.11 -18.12
C ARG A 232 -8.49 -5.24 -16.61
N ASN A 233 -9.44 -5.99 -16.04
CA ASN A 233 -9.49 -6.14 -14.59
C ASN A 233 -8.35 -7.01 -14.09
N ASN A 234 -7.33 -6.38 -13.53
CA ASN A 234 -6.16 -7.11 -13.04
C ASN A 234 -6.47 -8.04 -11.87
N SER A 235 -7.53 -7.75 -11.13
CA SER A 235 -7.89 -8.59 -10.00
C SER A 235 -8.41 -9.92 -10.50
N VAL A 236 -9.07 -9.90 -11.64
CA VAL A 236 -9.61 -11.13 -12.22
C VAL A 236 -8.49 -11.98 -12.80
N TRP A 237 -7.48 -11.33 -13.38
CA TRP A 237 -6.35 -12.09 -13.93
C TRP A 237 -5.63 -12.74 -12.76
N ASN A 238 -5.64 -12.06 -11.61
CA ASN A 238 -5.01 -12.62 -10.43
C ASN A 238 -5.83 -13.78 -9.90
N GLN A 239 -7.15 -13.65 -9.96
CA GLN A 239 -8.03 -14.71 -9.48
C GLN A 239 -7.87 -15.94 -10.38
N ARG A 240 -7.67 -15.70 -11.67
CA ARG A 240 -7.50 -16.77 -12.64
C ARG A 240 -6.25 -17.58 -12.29
N HIS A 241 -5.15 -16.88 -12.04
CA HIS A 241 -3.92 -17.55 -11.68
C HIS A 241 -4.09 -18.26 -10.36
N PHE A 242 -5.00 -17.75 -9.54
CA PHE A 242 -5.26 -18.33 -8.23
C PHE A 242 -5.98 -19.67 -8.37
N VAL A 243 -7.03 -19.71 -9.18
CA VAL A 243 -7.80 -20.93 -9.38
C VAL A 243 -6.98 -22.03 -10.04
N ILE A 244 -6.22 -21.69 -11.07
CA ILE A 244 -5.43 -22.68 -11.76
C ILE A 244 -4.31 -23.24 -10.90
N SER A 245 -3.53 -22.36 -10.26
CA SER A 245 -2.44 -22.80 -9.41
C SER A 245 -2.86 -23.79 -8.34
N ASN A 246 -4.08 -23.66 -7.85
CA ASN A 246 -4.56 -24.53 -6.79
C ASN A 246 -5.39 -25.71 -7.26
N THR A 247 -5.64 -25.77 -8.57
CA THR A 247 -6.39 -26.88 -9.11
C THR A 247 -5.43 -27.74 -9.95
N THR A 248 -5.45 -27.54 -11.26
CA THR A 248 -4.60 -28.28 -12.18
C THR A 248 -3.13 -27.90 -12.12
N GLY A 249 -2.83 -26.66 -11.77
CA GLY A 249 -1.44 -26.24 -11.76
C GLY A 249 -1.08 -25.88 -13.19
N TYR A 250 0.09 -25.29 -13.40
CA TYR A 250 0.50 -24.90 -14.74
C TYR A 250 1.54 -25.84 -15.37
N SER A 251 1.78 -26.99 -14.75
CA SER A 251 2.75 -27.94 -15.27
C SER A 251 2.08 -28.80 -16.33
N ASP A 252 0.77 -28.94 -16.20
CA ASP A 252 -0.01 -29.70 -17.16
C ASP A 252 0.10 -28.93 -18.49
N ARG A 253 0.91 -29.44 -19.40
CA ARG A 253 1.13 -28.79 -20.69
C ARG A 253 -0.15 -28.41 -21.44
N ALA A 254 -1.19 -29.21 -21.32
CA ALA A 254 -2.43 -28.88 -22.01
C ALA A 254 -3.00 -27.59 -21.41
N VAL A 255 -2.94 -27.49 -20.09
CA VAL A 255 -3.45 -26.31 -19.38
C VAL A 255 -2.62 -25.07 -19.69
N LEU A 256 -1.31 -25.15 -19.48
CA LEU A 256 -0.44 -24.02 -19.77
C LEU A 256 -0.64 -23.55 -21.20
N GLU A 257 -0.70 -24.50 -22.13
CA GLU A 257 -0.91 -24.20 -23.53
C GLU A 257 -2.19 -23.41 -23.71
N ARG A 258 -3.26 -23.92 -23.11
CA ARG A 258 -4.57 -23.29 -23.19
C ARG A 258 -4.47 -21.84 -22.75
N GLU A 259 -3.87 -21.65 -21.58
CA GLU A 259 -3.72 -20.31 -20.99
C GLU A 259 -3.00 -19.32 -21.88
N VAL A 260 -1.85 -19.71 -22.41
CA VAL A 260 -1.08 -18.82 -23.27
C VAL A 260 -1.85 -18.50 -24.55
N GLN A 261 -2.58 -19.49 -25.05
CA GLN A 261 -3.38 -19.31 -26.25
C GLN A 261 -4.40 -18.21 -25.95
N TYR A 262 -5.12 -18.40 -24.84
CA TYR A 262 -6.14 -17.46 -24.39
C TYR A 262 -5.60 -16.05 -24.26
N THR A 263 -4.46 -15.93 -23.57
CA THR A 263 -3.82 -14.65 -23.34
C THR A 263 -3.44 -13.96 -24.65
N LEU A 264 -2.68 -14.65 -25.49
CA LEU A 264 -2.29 -14.09 -26.78
C LEU A 264 -3.55 -13.68 -27.51
N GLU A 265 -4.61 -14.46 -27.37
CA GLU A 265 -5.85 -14.12 -28.03
C GLU A 265 -6.32 -12.75 -27.51
N MET A 266 -6.32 -12.61 -26.19
CA MET A 266 -6.72 -11.36 -25.54
C MET A 266 -5.79 -10.23 -25.92
N ILE A 267 -4.50 -10.50 -25.92
CA ILE A 267 -3.52 -9.48 -26.29
C ILE A 267 -3.81 -8.95 -27.70
N LYS A 268 -4.24 -9.85 -28.60
CA LYS A 268 -4.57 -9.44 -29.97
C LYS A 268 -5.76 -8.50 -29.95
N LEU A 269 -6.77 -8.85 -29.16
CA LEU A 269 -7.97 -8.02 -29.06
C LEU A 269 -7.71 -6.66 -28.39
N VAL A 270 -6.84 -6.62 -27.38
CA VAL A 270 -6.55 -5.36 -26.68
C VAL A 270 -5.04 -5.25 -26.45
N PRO A 271 -4.30 -5.02 -27.52
CA PRO A 271 -2.84 -4.87 -27.56
C PRO A 271 -2.20 -4.08 -26.42
N HIS A 272 -2.88 -3.04 -25.96
CA HIS A 272 -2.32 -2.19 -24.90
C HIS A 272 -2.76 -2.48 -23.45
N ASN A 273 -3.48 -3.57 -23.23
CA ASN A 273 -3.90 -3.93 -21.89
C ASN A 273 -2.77 -4.67 -21.19
N GLU A 274 -2.11 -4.00 -20.26
CA GLU A 274 -0.98 -4.57 -19.54
C GLU A 274 -1.25 -5.83 -18.72
N SER A 275 -2.49 -6.03 -18.28
CA SER A 275 -2.77 -7.22 -17.48
C SER A 275 -2.47 -8.53 -18.22
N ALA A 276 -2.98 -8.66 -19.44
CA ALA A 276 -2.75 -9.84 -20.26
C ALA A 276 -1.25 -10.08 -20.37
N TRP A 277 -0.51 -9.03 -20.72
CA TRP A 277 0.93 -9.16 -20.86
C TRP A 277 1.62 -9.64 -19.59
N ASN A 278 1.26 -9.08 -18.44
CA ASN A 278 1.87 -9.49 -17.17
C ASN A 278 1.49 -10.94 -16.82
N TYR A 279 0.28 -11.34 -17.18
CA TYR A 279 -0.17 -12.70 -16.92
C TYR A 279 0.67 -13.66 -17.75
N LEU A 280 0.83 -13.33 -19.03
CA LEU A 280 1.62 -14.14 -19.95
C LEU A 280 3.05 -14.32 -19.45
N LYS A 281 3.65 -13.24 -18.94
CA LYS A 281 5.01 -13.32 -18.42
C LYS A 281 5.01 -14.13 -17.13
N GLY A 282 3.97 -13.93 -16.34
CA GLY A 282 3.85 -14.64 -15.08
C GLY A 282 3.81 -16.14 -15.14
N ILE A 283 3.03 -16.71 -16.05
CA ILE A 283 2.91 -18.16 -16.15
C ILE A 283 4.05 -18.86 -16.88
N LEU A 284 4.94 -18.09 -17.52
CA LEU A 284 6.05 -18.68 -18.26
C LEU A 284 7.42 -18.35 -17.67
N GLN A 285 7.50 -17.25 -16.95
CA GLN A 285 8.78 -16.82 -16.37
C GLN A 285 9.45 -17.76 -15.39
N ASP A 286 8.67 -18.58 -14.69
CA ASP A 286 9.29 -19.48 -13.72
C ASP A 286 10.03 -20.63 -14.37
N ARG A 287 9.42 -21.22 -15.40
CA ARG A 287 10.07 -22.30 -16.11
C ARG A 287 11.19 -21.72 -16.98
N GLY A 288 11.10 -20.42 -17.27
CA GLY A 288 12.11 -19.77 -18.08
C GLY A 288 11.54 -19.40 -19.43
N LEU A 289 11.64 -18.13 -19.80
CA LEU A 289 11.12 -17.67 -21.09
C LEU A 289 11.82 -18.32 -22.28
N SER A 290 13.15 -18.48 -22.19
CA SER A 290 13.90 -19.09 -23.28
C SER A 290 13.52 -20.55 -23.50
N ARG A 291 12.84 -21.15 -22.51
CA ARG A 291 12.40 -22.53 -22.59
C ARG A 291 11.33 -22.71 -23.68
N TYR A 292 10.74 -21.61 -24.10
CA TYR A 292 9.69 -21.66 -25.12
C TYR A 292 10.16 -20.92 -26.38
N PRO A 293 10.89 -21.62 -27.26
CA PRO A 293 11.45 -21.11 -28.51
C PRO A 293 10.50 -20.46 -29.53
N ASN A 294 9.24 -20.91 -29.59
CA ASN A 294 8.29 -20.33 -30.54
C ASN A 294 7.69 -19.01 -30.12
N LEU A 295 7.79 -18.70 -28.82
CA LEU A 295 7.22 -17.49 -28.26
C LEU A 295 7.74 -16.24 -28.99
N LEU A 296 9.06 -16.08 -28.99
CA LEU A 296 9.73 -14.95 -29.61
C LEU A 296 9.18 -14.64 -31.00
N ASN A 297 9.28 -15.61 -31.89
CA ASN A 297 8.82 -15.45 -33.26
C ASN A 297 7.37 -15.01 -33.31
N GLN A 298 6.53 -15.60 -32.46
CA GLN A 298 5.12 -15.25 -32.45
C GLN A 298 4.87 -13.83 -31.96
N LEU A 299 5.75 -13.31 -31.11
CA LEU A 299 5.59 -11.96 -30.60
C LEU A 299 6.07 -10.99 -31.68
N LEU A 300 7.18 -11.36 -32.33
CA LEU A 300 7.71 -10.52 -33.39
C LEU A 300 6.67 -10.35 -34.49
N ASP A 301 5.81 -11.36 -34.66
CA ASP A 301 4.76 -11.29 -35.67
C ASP A 301 3.58 -10.48 -35.16
N LEU A 302 3.85 -9.56 -34.25
CA LEU A 302 2.81 -8.70 -33.70
C LEU A 302 3.27 -7.25 -33.78
N GLN A 303 4.59 -7.03 -33.74
CA GLN A 303 5.14 -5.69 -33.83
C GLN A 303 4.53 -4.91 -34.99
N PRO A 304 4.38 -5.56 -36.16
CA PRO A 304 3.79 -4.87 -37.31
C PRO A 304 2.59 -4.03 -36.92
N SER A 305 1.52 -4.67 -36.49
CA SER A 305 0.31 -3.96 -36.10
C SER A 305 0.08 -3.88 -34.59
N HIS A 306 -0.07 -5.04 -33.95
CA HIS A 306 -0.31 -5.14 -32.51
C HIS A 306 0.90 -4.80 -31.62
N SER A 307 1.61 -3.72 -31.92
CA SER A 307 2.77 -3.35 -31.10
C SER A 307 2.41 -2.50 -29.88
N SER A 308 3.36 -2.37 -28.95
CA SER A 308 3.16 -1.59 -27.74
C SER A 308 4.47 -1.60 -26.97
N PRO A 309 4.64 -0.69 -26.01
CA PRO A 309 5.91 -0.73 -25.28
C PRO A 309 5.96 -2.01 -24.46
N TYR A 310 4.80 -2.65 -24.33
CA TYR A 310 4.68 -3.90 -23.59
C TYR A 310 5.33 -5.05 -24.34
N LEU A 311 5.01 -5.17 -25.63
CA LEU A 311 5.57 -6.23 -26.47
C LEU A 311 7.09 -6.09 -26.54
N ILE A 312 7.57 -4.85 -26.65
CA ILE A 312 9.00 -4.58 -26.74
C ILE A 312 9.68 -5.01 -25.46
N ALA A 313 9.05 -4.70 -24.34
CA ALA A 313 9.59 -5.04 -23.03
C ALA A 313 9.67 -6.56 -22.86
N PHE A 314 8.69 -7.25 -23.41
CA PHE A 314 8.65 -8.71 -23.32
C PHE A 314 9.85 -9.25 -24.10
N LEU A 315 10.04 -8.71 -25.31
CA LEU A 315 11.15 -9.12 -26.16
C LEU A 315 12.45 -9.06 -25.40
N VAL A 316 12.67 -7.97 -24.67
CA VAL A 316 13.88 -7.82 -23.89
C VAL A 316 13.96 -8.93 -22.86
N ASP A 317 12.82 -9.20 -22.21
CA ASP A 317 12.76 -10.25 -21.20
C ASP A 317 13.19 -11.60 -21.75
N ILE A 318 12.67 -11.93 -22.93
CA ILE A 318 13.02 -13.18 -23.61
C ILE A 318 14.51 -13.19 -23.90
N TYR A 319 15.02 -12.13 -24.52
CA TYR A 319 16.44 -12.03 -24.83
C TYR A 319 17.27 -12.19 -23.56
N GLU A 320 16.86 -11.50 -22.50
CA GLU A 320 17.57 -11.56 -21.23
C GLU A 320 17.69 -13.00 -20.74
N ASP A 321 16.59 -13.74 -20.77
CA ASP A 321 16.61 -15.14 -20.31
C ASP A 321 17.47 -15.98 -21.24
N MET A 322 17.38 -15.72 -22.55
CA MET A 322 18.18 -16.44 -23.54
C MET A 322 19.66 -16.27 -23.21
N LEU A 323 20.08 -15.03 -23.06
CA LEU A 323 21.47 -14.74 -22.74
C LEU A 323 21.85 -15.41 -21.43
N GLU A 324 20.84 -15.67 -20.60
CA GLU A 324 21.04 -16.29 -19.29
C GLU A 324 21.19 -17.81 -19.41
N ASN A 325 20.94 -18.34 -20.60
CA ASN A 325 21.06 -19.78 -20.82
C ASN A 325 21.92 -20.07 -22.04
N GLN A 326 22.99 -19.30 -22.19
CA GLN A 326 23.92 -19.44 -23.31
C GLN A 326 23.22 -19.88 -24.59
N CYS A 327 22.54 -18.93 -25.23
CA CYS A 327 21.82 -19.21 -26.47
C CYS A 327 22.73 -19.10 -27.69
N ASP A 328 22.20 -19.48 -28.85
CA ASP A 328 22.97 -19.39 -30.09
C ASP A 328 23.00 -17.93 -30.53
N ASN A 329 24.15 -17.51 -31.07
CA ASN A 329 24.31 -16.13 -31.52
C ASN A 329 24.18 -15.23 -30.30
N LYS A 330 24.93 -15.54 -29.24
CA LYS A 330 24.87 -14.76 -28.01
C LYS A 330 24.93 -13.26 -28.24
N GLU A 331 26.00 -12.80 -28.88
CA GLU A 331 26.20 -11.38 -29.14
C GLU A 331 25.11 -10.71 -29.99
N ASP A 332 24.62 -11.41 -31.00
CA ASP A 332 23.57 -10.86 -31.86
C ASP A 332 22.30 -10.58 -31.03
N ILE A 333 22.01 -11.49 -30.11
CA ILE A 333 20.84 -11.36 -29.25
C ILE A 333 21.02 -10.15 -28.34
N LEU A 334 22.20 -10.06 -27.72
CA LEU A 334 22.51 -8.96 -26.83
C LEU A 334 22.22 -7.62 -27.49
N ASN A 335 22.85 -7.36 -28.62
CA ASN A 335 22.67 -6.09 -29.32
C ASN A 335 21.21 -5.83 -29.67
N LYS A 336 20.46 -6.90 -29.94
CA LYS A 336 19.04 -6.75 -30.26
C LYS A 336 18.34 -6.19 -29.03
N ALA A 337 18.77 -6.67 -27.87
CA ALA A 337 18.20 -6.25 -26.59
C ALA A 337 18.61 -4.84 -26.20
N LEU A 338 19.88 -4.51 -26.43
CA LEU A 338 20.36 -3.18 -26.08
C LEU A 338 19.71 -2.10 -26.92
N GLU A 339 19.35 -2.43 -28.16
CA GLU A 339 18.71 -1.43 -29.01
C GLU A 339 17.25 -1.24 -28.58
N LEU A 340 16.64 -2.32 -28.09
CA LEU A 340 15.27 -2.24 -27.63
C LEU A 340 15.22 -1.47 -26.31
N CYS A 341 16.17 -1.75 -25.43
CA CYS A 341 16.24 -1.05 -24.15
C CYS A 341 16.31 0.45 -24.40
N GLU A 342 17.17 0.85 -25.33
CA GLU A 342 17.33 2.26 -25.66
C GLU A 342 16.07 2.82 -26.32
N ILE A 343 15.48 2.07 -27.25
CA ILE A 343 14.25 2.53 -27.90
C ILE A 343 13.18 2.81 -26.84
N LEU A 344 13.13 1.97 -25.80
CA LEU A 344 12.16 2.13 -24.72
C LEU A 344 12.54 3.30 -23.81
N ALA A 345 13.80 3.35 -23.40
CA ALA A 345 14.28 4.40 -22.51
C ALA A 345 14.27 5.79 -23.12
N LYS A 346 14.31 5.88 -24.45
CA LYS A 346 14.33 7.19 -25.08
C LYS A 346 13.16 7.50 -25.98
N GLU A 347 12.31 6.52 -26.25
CA GLU A 347 11.16 6.78 -27.11
C GLU A 347 9.85 6.11 -26.71
N LYS A 348 9.83 4.78 -26.69
CA LYS A 348 8.62 4.02 -26.37
C LYS A 348 8.17 3.97 -24.90
N ASP A 349 9.10 3.99 -23.96
CA ASP A 349 8.71 3.92 -22.55
C ASP A 349 9.66 4.74 -21.68
N THR A 350 9.69 6.05 -21.94
CA THR A 350 10.58 6.97 -21.24
C THR A 350 10.37 7.16 -19.73
N ILE A 351 9.13 6.99 -19.27
CA ILE A 351 8.85 7.15 -17.85
C ILE A 351 9.70 6.16 -17.06
N ARG A 352 10.11 5.09 -17.73
CA ARG A 352 10.94 4.06 -17.11
C ARG A 352 12.39 4.11 -17.61
N LYS A 353 12.81 5.26 -18.12
CA LYS A 353 14.16 5.43 -18.63
C LYS A 353 15.24 4.90 -17.69
N GLU A 354 15.13 5.17 -16.39
CA GLU A 354 16.12 4.70 -15.44
C GLU A 354 16.15 3.17 -15.38
N TYR A 355 14.98 2.55 -15.42
CA TYR A 355 14.92 1.10 -15.37
C TYR A 355 15.58 0.48 -16.60
N TRP A 356 15.13 0.90 -17.76
CA TRP A 356 15.65 0.40 -19.02
C TRP A 356 17.15 0.61 -19.18
N ARG A 357 17.66 1.74 -18.73
CA ARG A 357 19.10 2.00 -18.82
C ARG A 357 19.82 1.03 -17.90
N TYR A 358 19.17 0.66 -16.79
CA TYR A 358 19.74 -0.28 -15.83
C TYR A 358 19.85 -1.65 -16.47
N ILE A 359 18.75 -2.10 -17.08
CA ILE A 359 18.73 -3.40 -17.74
C ILE A 359 19.80 -3.37 -18.83
N GLY A 360 19.88 -2.23 -19.53
CA GLY A 360 20.86 -2.09 -20.59
C GLY A 360 22.25 -2.35 -20.04
N ARG A 361 22.59 -1.70 -18.92
CA ARG A 361 23.89 -1.89 -18.30
C ARG A 361 24.05 -3.33 -17.86
N SER A 362 23.08 -3.84 -17.11
CA SER A 362 23.12 -5.22 -16.63
C SER A 362 23.45 -6.22 -17.72
N LEU A 363 22.63 -6.23 -18.77
CA LEU A 363 22.81 -7.13 -19.90
C LEU A 363 24.21 -7.06 -20.50
N GLN A 364 24.79 -5.87 -20.55
CA GLN A 364 26.13 -5.74 -21.11
C GLN A 364 27.15 -6.14 -20.05
N SER A 365 26.91 -5.70 -18.82
CA SER A 365 27.79 -6.01 -17.73
C SER A 365 28.07 -7.50 -17.61
N LYS A 366 27.17 -8.33 -18.11
CA LYS A 366 27.39 -9.77 -17.99
C LYS A 366 27.24 -10.62 -19.24
N HIS A 367 26.98 -10.00 -20.39
CA HIS A 367 26.82 -10.79 -21.61
C HIS A 367 27.61 -10.28 -22.81
N SER A 368 28.46 -9.28 -22.60
CA SER A 368 29.29 -8.79 -23.71
C SER A 368 30.36 -9.86 -23.94
N ARG A 369 30.87 -9.96 -25.16
CA ARG A 369 31.89 -10.96 -25.46
C ARG A 369 33.11 -10.81 -24.55
N GLU A 370 33.32 -9.60 -24.04
CA GLU A 370 34.44 -9.31 -23.16
C GLU A 370 34.09 -9.46 -21.69
N SER A 371 32.85 -9.88 -21.41
CA SER A 371 32.39 -10.05 -20.04
C SER A 371 33.14 -11.10 -19.22
N ASP A 372 33.56 -12.20 -19.86
CA ASP A 372 34.29 -13.25 -19.16
C ASP A 372 35.74 -13.34 -19.67
N ILE A 373 36.24 -12.20 -20.15
CA ILE A 373 37.61 -12.13 -20.67
C ILE A 373 38.53 -11.37 -19.71
N PRO A 374 39.64 -12.02 -19.29
CA PRO A 374 40.64 -11.46 -18.36
C PRO A 374 41.06 -10.03 -18.72
N ALA A 375 41.27 -9.22 -17.68
CA ALA A 375 41.67 -7.82 -17.84
C ALA A 375 42.89 -7.65 -18.73
N SER A 376 43.91 -8.46 -18.49
CA SER A 376 45.16 -8.41 -19.27
C SER A 376 45.02 -8.79 -20.75
N VAL A 377 44.01 -9.59 -21.07
CA VAL A 377 43.78 -10.02 -22.46
C VAL A 377 43.70 -8.82 -23.42
N PRO B 17 17.51 25.23 -25.25
CA PRO B 17 16.77 25.94 -26.31
C PRO B 17 15.57 26.71 -25.75
N VAL B 18 15.24 27.82 -26.41
CA VAL B 18 14.12 28.65 -25.97
C VAL B 18 12.79 27.92 -26.22
N TRP B 19 12.76 27.10 -27.26
CA TRP B 19 11.55 26.35 -27.60
C TRP B 19 11.35 25.18 -26.64
N SER B 20 12.43 24.78 -25.98
CA SER B 20 12.42 23.65 -25.04
C SER B 20 11.60 23.89 -23.77
N GLU B 21 10.93 22.84 -23.32
CA GLU B 21 10.11 22.87 -22.11
C GLU B 21 10.80 22.09 -20.99
N PRO B 22 11.18 22.79 -19.90
CA PRO B 22 11.85 22.11 -18.80
C PRO B 22 10.97 21.06 -18.09
N LEU B 23 9.67 21.30 -18.01
CA LEU B 23 8.76 20.37 -17.36
C LEU B 23 8.38 19.20 -18.26
N TYR B 24 8.77 18.01 -17.82
CA TYR B 24 8.54 16.76 -18.53
C TYR B 24 7.10 16.52 -18.94
N SER B 25 6.16 16.88 -18.06
CA SER B 25 4.74 16.68 -18.31
C SER B 25 4.12 17.69 -19.27
N LEU B 26 4.81 18.79 -19.54
CA LEU B 26 4.27 19.79 -20.43
C LEU B 26 4.86 19.74 -21.84
N ARG B 27 5.84 18.86 -22.05
CA ARG B 27 6.45 18.75 -23.37
C ARG B 27 5.44 18.22 -24.36
N PRO B 28 5.58 18.60 -25.64
CA PRO B 28 4.63 18.13 -26.65
C PRO B 28 4.65 16.61 -26.85
N GLU B 29 5.82 15.99 -26.77
CA GLU B 29 5.91 14.54 -26.94
C GLU B 29 5.01 13.85 -25.92
N HIS B 30 4.92 14.46 -24.74
CA HIS B 30 4.13 13.91 -23.66
C HIS B 30 2.72 13.49 -24.07
N ALA B 31 2.10 14.24 -24.97
CA ALA B 31 0.75 13.92 -25.40
C ALA B 31 0.64 12.49 -25.88
N ARG B 32 1.74 11.97 -26.40
CA ARG B 32 1.77 10.60 -26.90
C ARG B 32 1.61 9.57 -25.78
N GLU B 33 1.73 10.02 -24.54
CA GLU B 33 1.60 9.14 -23.39
C GLU B 33 0.15 8.92 -22.94
N ARG B 34 -0.80 9.48 -23.69
CA ARG B 34 -2.22 9.32 -23.36
C ARG B 34 -2.66 7.88 -23.59
N LEU B 35 -3.70 7.46 -22.88
CA LEU B 35 -4.20 6.10 -22.99
C LEU B 35 -4.63 5.68 -24.39
N GLN B 36 -4.25 4.46 -24.76
CA GLN B 36 -4.60 3.87 -26.05
C GLN B 36 -5.52 2.71 -25.71
N ASP B 37 -6.83 2.93 -25.82
CA ASP B 37 -7.79 1.89 -25.48
C ASP B 37 -8.07 0.91 -26.61
N ASP B 38 -7.25 0.96 -27.66
CA ASP B 38 -7.40 0.05 -28.79
C ASP B 38 -8.86 -0.02 -29.22
N SER B 39 -9.58 1.08 -29.07
CA SER B 39 -10.98 1.16 -29.43
C SER B 39 -11.83 0.09 -28.77
N VAL B 40 -11.35 -0.41 -27.64
CA VAL B 40 -12.07 -1.42 -26.87
C VAL B 40 -12.33 -0.77 -25.52
N GLU B 41 -13.58 -0.42 -25.26
CA GLU B 41 -13.93 0.23 -24.00
C GLU B 41 -14.45 -0.67 -22.89
N THR B 42 -13.86 -0.49 -21.71
CA THR B 42 -14.26 -1.23 -20.52
C THR B 42 -14.21 -0.22 -19.38
N VAL B 43 -14.76 -0.59 -18.23
CA VAL B 43 -14.78 0.30 -17.08
C VAL B 43 -13.38 0.83 -16.72
N THR B 44 -12.36 0.01 -16.90
CA THR B 44 -11.02 0.43 -16.57
C THR B 44 -10.48 1.54 -17.47
N SER B 45 -10.69 1.42 -18.78
CA SER B 45 -10.19 2.45 -19.69
C SER B 45 -11.00 3.74 -19.54
N ILE B 46 -12.31 3.60 -19.40
CA ILE B 46 -13.16 4.77 -19.23
C ILE B 46 -12.68 5.54 -18.01
N GLU B 47 -12.43 4.82 -16.91
CA GLU B 47 -11.97 5.45 -15.68
C GLU B 47 -10.59 6.07 -15.81
N GLN B 48 -9.68 5.39 -16.48
CA GLN B 48 -8.33 5.90 -16.67
C GLN B 48 -8.37 7.17 -17.53
N ALA B 49 -9.27 7.18 -18.50
CA ALA B 49 -9.41 8.32 -19.42
C ALA B 49 -9.88 9.57 -18.69
N LYS B 50 -10.88 9.41 -17.82
CA LYS B 50 -11.42 10.53 -17.06
C LYS B 50 -10.30 11.23 -16.31
N VAL B 51 -9.49 10.44 -15.59
CA VAL B 51 -8.37 10.98 -14.83
C VAL B 51 -7.36 11.67 -15.74
N GLU B 52 -6.95 11.00 -16.81
CA GLU B 52 -5.98 11.59 -17.73
C GLU B 52 -6.50 12.92 -18.26
N GLU B 53 -7.78 12.95 -18.59
CA GLU B 53 -8.40 14.16 -19.10
C GLU B 53 -8.31 15.24 -18.02
N LYS B 54 -8.58 14.87 -16.78
CA LYS B 54 -8.52 15.85 -15.68
C LYS B 54 -7.10 16.34 -15.44
N ILE B 55 -6.13 15.43 -15.54
CA ILE B 55 -4.74 15.77 -15.33
C ILE B 55 -4.20 16.64 -16.48
N GLN B 56 -4.70 16.39 -17.69
CA GLN B 56 -4.26 17.17 -18.83
C GLN B 56 -4.69 18.63 -18.66
N GLU B 57 -5.87 18.84 -18.10
CA GLU B 57 -6.37 20.19 -17.84
C GLU B 57 -5.39 20.90 -16.93
N VAL B 58 -4.95 20.20 -15.89
CA VAL B 58 -4.02 20.78 -14.94
C VAL B 58 -2.72 21.15 -15.65
N PHE B 59 -2.15 20.20 -16.39
CA PHE B 59 -0.90 20.45 -17.11
C PHE B 59 -1.05 21.64 -18.07
N SER B 60 -2.10 21.62 -18.87
CA SER B 60 -2.37 22.67 -19.86
C SER B 60 -2.77 24.04 -19.33
N SER B 61 -3.19 24.10 -18.07
CA SER B 61 -3.63 25.36 -17.46
C SER B 61 -2.69 26.55 -17.69
N TYR B 62 -1.39 26.31 -17.61
CA TYR B 62 -0.41 27.38 -17.81
C TYR B 62 -0.44 27.96 -19.22
N LYS B 63 -0.58 27.07 -20.20
CA LYS B 63 -0.63 27.45 -21.60
C LYS B 63 -1.91 28.20 -21.93
N PHE B 64 -3.01 27.76 -21.33
CA PHE B 64 -4.31 28.38 -21.56
C PHE B 64 -4.48 29.72 -20.86
N ASN B 65 -3.83 29.89 -19.71
CA ASN B 65 -3.92 31.15 -18.99
C ASN B 65 -2.79 32.08 -19.42
N HIS B 66 -1.90 31.57 -20.27
CA HIS B 66 -0.78 32.33 -20.80
C HIS B 66 0.19 32.76 -19.70
N LEU B 67 0.52 31.82 -18.82
CA LEU B 67 1.43 32.07 -17.72
C LEU B 67 2.60 31.11 -17.83
N VAL B 68 3.76 31.52 -17.33
CA VAL B 68 4.92 30.63 -17.37
C VAL B 68 4.82 29.82 -16.07
N PRO B 69 4.87 28.48 -16.19
CA PRO B 69 4.79 27.55 -15.06
C PRO B 69 5.84 27.76 -13.99
N ARG B 70 5.42 27.67 -12.73
CA ARG B 70 6.32 27.78 -11.59
C ARG B 70 5.84 26.75 -10.57
N LEU B 71 6.68 25.78 -10.24
CA LEU B 71 6.31 24.75 -9.29
C LEU B 71 6.74 25.12 -7.88
N VAL B 72 5.75 25.54 -7.10
CA VAL B 72 5.98 25.96 -5.73
C VAL B 72 5.28 25.07 -4.71
N LEU B 73 6.04 24.52 -3.78
CA LEU B 73 5.43 23.73 -2.73
C LEU B 73 4.90 24.77 -1.76
N GLN B 74 3.58 24.79 -1.55
CA GLN B 74 2.96 25.76 -0.66
C GLN B 74 3.25 25.53 0.83
N ARG B 75 4.51 25.72 1.21
CA ARG B 75 4.93 25.50 2.59
C ARG B 75 4.07 26.11 3.68
N GLU B 76 4.01 27.44 3.75
CA GLU B 76 3.24 28.09 4.80
C GLU B 76 1.82 27.56 4.89
N LYS B 77 1.19 27.36 3.74
CA LYS B 77 -0.17 26.83 3.73
C LYS B 77 -0.23 25.45 4.38
N HIS B 78 0.71 24.57 4.03
CA HIS B 78 0.71 23.22 4.60
C HIS B 78 1.05 23.25 6.07
N PHE B 79 1.90 24.19 6.46
CA PHE B 79 2.29 24.30 7.86
C PHE B 79 1.09 24.66 8.72
N HIS B 80 0.25 25.55 8.23
CA HIS B 80 -0.92 25.98 8.97
C HIS B 80 -1.86 24.82 9.17
N TYR B 81 -2.11 24.09 8.08
CA TYR B 81 -2.98 22.92 8.09
C TYR B 81 -2.47 21.94 9.13
N LEU B 82 -1.18 21.64 9.08
CA LEU B 82 -0.56 20.70 10.01
C LEU B 82 -0.57 21.21 11.44
N LYS B 83 -0.06 22.42 11.64
CA LYS B 83 0.00 23.04 12.97
C LYS B 83 -1.32 22.91 13.72
N ARG B 84 -2.42 23.25 13.04
CA ARG B 84 -3.75 23.21 13.62
C ARG B 84 -4.23 21.78 13.90
N GLY B 85 -4.23 20.95 12.86
CA GLY B 85 -4.67 19.57 13.01
C GLY B 85 -3.95 18.81 14.12
N LEU B 86 -2.68 19.13 14.33
CA LEU B 86 -1.89 18.47 15.37
C LEU B 86 -2.55 18.66 16.72
N ARG B 87 -3.36 19.71 16.82
CA ARG B 87 -4.03 20.03 18.07
C ARG B 87 -5.53 19.79 18.03
N GLN B 88 -6.16 20.05 16.89
CA GLN B 88 -7.60 19.87 16.81
C GLN B 88 -8.12 19.52 15.42
N LEU B 89 -9.10 18.62 15.36
CA LEU B 89 -9.67 18.18 14.10
C LEU B 89 -11.20 18.26 14.11
N THR B 90 -11.80 18.55 12.95
CA THR B 90 -13.24 18.64 12.83
C THR B 90 -13.84 17.23 12.90
N ASP B 91 -15.15 17.13 12.97
CA ASP B 91 -15.79 15.83 13.07
C ASP B 91 -15.65 15.04 11.78
N ALA B 92 -14.95 15.62 10.81
CA ALA B 92 -14.73 14.92 9.56
C ALA B 92 -13.79 13.75 9.84
N TYR B 93 -13.05 13.83 10.95
CA TYR B 93 -12.14 12.78 11.32
C TYR B 93 -12.69 11.79 12.33
N GLU B 94 -14.01 11.72 12.45
CA GLU B 94 -14.62 10.76 13.37
C GLU B 94 -14.30 9.34 12.89
N CYS B 95 -14.11 9.20 11.58
CA CYS B 95 -13.81 7.90 10.99
C CYS B 95 -12.40 7.42 11.35
N LEU B 96 -11.61 8.31 11.93
CA LEU B 96 -10.24 7.99 12.33
C LEU B 96 -10.08 8.08 13.84
N ASP B 97 -11.20 7.96 14.54
CA ASP B 97 -11.19 8.02 15.99
C ASP B 97 -10.44 6.82 16.60
N ALA B 98 -10.22 5.77 15.82
CA ALA B 98 -9.49 4.61 16.32
C ALA B 98 -8.09 4.59 15.72
N SER B 99 -7.65 5.73 15.21
CA SER B 99 -6.33 5.84 14.61
C SER B 99 -5.68 7.15 14.99
N ARG B 100 -5.91 7.60 16.21
CA ARG B 100 -5.34 8.87 16.61
C ARG B 100 -3.82 8.89 16.63
N PRO B 101 -3.17 7.76 16.97
CA PRO B 101 -1.70 7.81 16.95
C PRO B 101 -1.25 8.02 15.49
N TRP B 102 -2.01 7.47 14.55
CA TRP B 102 -1.67 7.63 13.12
C TRP B 102 -1.70 9.11 12.79
N LEU B 103 -2.71 9.80 13.29
CA LEU B 103 -2.85 11.23 13.05
C LEU B 103 -1.63 11.96 13.62
N CYS B 104 -1.19 11.56 14.81
CA CYS B 104 -0.02 12.18 15.39
C CYS B 104 1.19 11.97 14.48
N TYR B 105 1.43 10.72 14.08
CA TYR B 105 2.56 10.42 13.22
C TYR B 105 2.53 11.15 11.88
N TRP B 106 1.44 11.00 11.14
CA TRP B 106 1.34 11.65 9.84
C TRP B 106 1.61 13.14 9.89
N ILE B 107 1.09 13.78 10.93
CA ILE B 107 1.24 15.22 11.10
C ILE B 107 2.67 15.57 11.52
N LEU B 108 3.14 14.95 12.60
CA LEU B 108 4.50 15.20 13.07
C LEU B 108 5.53 14.91 11.98
N HIS B 109 5.31 13.87 11.19
CA HIS B 109 6.25 13.54 10.14
C HIS B 109 6.19 14.58 9.01
N SER B 110 4.98 15.07 8.70
CA SER B 110 4.82 16.09 7.66
C SER B 110 5.57 17.35 8.07
N LEU B 111 5.45 17.72 9.34
CA LEU B 111 6.14 18.89 9.87
C LEU B 111 7.65 18.63 9.80
N GLU B 112 8.05 17.43 10.20
CA GLU B 112 9.45 17.02 10.17
C GLU B 112 10.02 17.18 8.75
N LEU B 113 9.30 16.70 7.76
CA LEU B 113 9.74 16.82 6.37
C LEU B 113 9.81 18.29 5.95
N LEU B 114 8.78 19.05 6.33
CA LEU B 114 8.71 20.46 6.00
C LEU B 114 9.73 21.22 6.81
N ASP B 115 10.39 20.52 7.72
CA ASP B 115 11.41 21.11 8.57
C ASP B 115 10.88 22.21 9.49
N GLU B 116 9.84 21.87 10.24
CA GLU B 116 9.23 22.80 11.19
C GLU B 116 9.57 22.26 12.57
N PRO B 117 10.00 23.13 13.48
CA PRO B 117 10.33 22.64 14.82
C PRO B 117 9.10 22.18 15.59
N ILE B 118 9.30 21.18 16.44
CA ILE B 118 8.22 20.66 17.26
C ILE B 118 8.41 21.28 18.64
N PRO B 119 7.57 22.27 18.96
CA PRO B 119 7.65 22.96 20.25
C PRO B 119 7.64 21.93 21.36
N GLN B 120 8.33 22.20 22.45
CA GLN B 120 8.35 21.26 23.55
C GLN B 120 7.00 21.15 24.25
N ILE B 121 6.17 22.19 24.12
CA ILE B 121 4.83 22.14 24.71
C ILE B 121 4.10 20.98 24.01
N VAL B 122 4.27 20.94 22.70
CA VAL B 122 3.65 19.91 21.87
C VAL B 122 4.24 18.54 22.10
N ALA B 123 5.57 18.45 22.04
CA ALA B 123 6.23 17.17 22.24
C ALA B 123 5.76 16.49 23.53
N THR B 124 5.64 17.27 24.61
CA THR B 124 5.22 16.73 25.89
C THR B 124 3.74 16.34 25.90
N ASP B 125 2.90 17.14 25.23
CA ASP B 125 1.48 16.82 25.17
C ASP B 125 1.31 15.54 24.36
N VAL B 126 2.07 15.42 23.28
CA VAL B 126 2.04 14.25 22.43
C VAL B 126 2.43 13.03 23.26
N CYS B 127 3.58 13.11 23.93
CA CYS B 127 4.05 12.01 24.77
C CYS B 127 2.95 11.57 25.72
N GLN B 128 2.39 12.53 26.46
CA GLN B 128 1.33 12.22 27.42
C GLN B 128 0.15 11.56 26.73
N PHE B 129 -0.24 12.08 25.58
CA PHE B 129 -1.39 11.49 24.90
C PHE B 129 -1.14 10.05 24.50
N LEU B 130 0.07 9.76 24.01
CA LEU B 130 0.39 8.41 23.58
C LEU B 130 0.45 7.47 24.78
N GLU B 131 0.79 8.00 25.94
CA GLU B 131 0.85 7.21 27.15
C GLU B 131 -0.57 6.73 27.46
N LEU B 132 -1.53 7.63 27.32
CA LEU B 132 -2.93 7.31 27.56
C LEU B 132 -3.41 6.24 26.56
N CYS B 133 -2.82 6.22 25.37
CA CYS B 133 -3.19 5.25 24.37
C CYS B 133 -2.54 3.90 24.62
N GLN B 134 -1.40 3.90 25.32
CA GLN B 134 -0.70 2.67 25.58
C GLN B 134 -1.49 1.73 26.48
N SER B 135 -1.44 0.45 26.17
CA SER B 135 -2.15 -0.56 26.93
C SER B 135 -1.34 -1.13 28.08
N PRO B 136 -2.03 -1.54 29.17
CA PRO B 136 -1.33 -2.10 30.34
C PRO B 136 -0.55 -3.35 29.92
N ASP B 137 -1.02 -4.00 28.86
CA ASP B 137 -0.41 -5.22 28.39
C ASP B 137 0.51 -5.08 27.18
N GLY B 138 0.85 -3.85 26.81
CA GLY B 138 1.76 -3.66 25.69
C GLY B 138 1.08 -3.15 24.43
N GLY B 139 1.84 -2.37 23.66
CA GLY B 139 1.30 -1.81 22.43
C GLY B 139 0.39 -0.63 22.70
N PHE B 140 0.04 0.10 21.65
CA PHE B 140 -0.83 1.25 21.77
C PHE B 140 -2.15 1.00 21.05
N GLY B 141 -3.20 1.69 21.49
CA GLY B 141 -4.49 1.55 20.86
C GLY B 141 -4.74 2.77 20.00
N GLY B 142 -5.85 2.80 19.28
CA GLY B 142 -6.15 3.94 18.42
C GLY B 142 -6.64 5.15 19.20
N GLY B 143 -6.74 5.02 20.51
CA GLY B 143 -7.19 6.11 21.36
C GLY B 143 -7.24 5.67 22.82
N PRO B 144 -7.38 6.61 23.77
CA PRO B 144 -7.43 6.24 25.19
C PRO B 144 -8.52 5.23 25.49
N GLY B 145 -8.17 4.13 26.14
CA GLY B 145 -9.17 3.14 26.48
C GLY B 145 -9.46 2.10 25.42
N GLN B 146 -8.87 2.26 24.25
CA GLN B 146 -9.07 1.31 23.16
C GLN B 146 -8.03 0.19 23.27
N TYR B 147 -8.37 -1.00 22.82
CA TYR B 147 -7.45 -2.12 22.87
C TYR B 147 -6.25 -1.84 21.98
N PRO B 148 -5.10 -2.44 22.30
CA PRO B 148 -3.90 -2.23 21.49
C PRO B 148 -4.07 -2.82 20.10
N HIS B 149 -3.30 -2.33 19.13
CA HIS B 149 -3.39 -2.77 17.74
C HIS B 149 -2.04 -2.42 17.10
N LEU B 150 -1.49 -3.31 16.28
CA LEU B 150 -0.18 -3.07 15.66
C LEU B 150 -0.03 -1.82 14.77
N ALA B 151 -1.10 -1.41 14.09
CA ALA B 151 -1.02 -0.23 13.24
C ALA B 151 -0.80 1.02 14.11
N PRO B 152 -1.73 1.31 15.03
CA PRO B 152 -1.51 2.51 15.87
C PRO B 152 -0.26 2.38 16.74
N THR B 153 0.21 1.15 16.95
CA THR B 153 1.41 0.90 17.74
C THR B 153 2.63 1.31 16.93
N TYR B 154 2.58 1.06 15.63
CA TYR B 154 3.69 1.41 14.75
C TYR B 154 3.73 2.92 14.60
N ALA B 155 2.57 3.55 14.66
CA ALA B 155 2.50 4.99 14.52
C ALA B 155 2.98 5.68 15.77
N ALA B 156 2.58 5.14 16.91
CA ALA B 156 2.96 5.71 18.19
C ALA B 156 4.47 5.70 18.33
N VAL B 157 5.06 4.53 18.15
CA VAL B 157 6.50 4.40 18.26
C VAL B 157 7.16 5.37 17.30
N ASN B 158 6.68 5.44 16.06
CA ASN B 158 7.25 6.35 15.09
C ASN B 158 7.13 7.81 15.55
N ALA B 159 5.94 8.20 15.97
CA ALA B 159 5.69 9.56 16.45
C ALA B 159 6.66 9.91 17.59
N LEU B 160 6.80 9.00 18.55
CA LEU B 160 7.70 9.21 19.69
C LEU B 160 9.15 9.36 19.24
N CYS B 161 9.58 8.56 18.27
CA CYS B 161 10.95 8.64 17.78
C CYS B 161 11.18 9.94 17.01
N ILE B 162 10.12 10.49 16.41
CA ILE B 162 10.24 11.74 15.68
C ILE B 162 10.51 12.84 16.70
N ILE B 163 9.83 12.75 17.85
CA ILE B 163 10.06 13.72 18.90
C ILE B 163 11.48 13.43 19.37
N GLY B 164 11.76 12.14 19.57
CA GLY B 164 13.10 11.72 19.96
C GLY B 164 13.74 12.24 21.23
N THR B 165 12.94 12.70 22.18
CA THR B 165 13.46 13.20 23.44
C THR B 165 13.40 12.08 24.48
N GLU B 166 14.23 12.17 25.52
CA GLU B 166 14.25 11.15 26.57
C GLU B 166 12.84 10.84 27.06
N GLU B 167 11.99 11.87 27.15
CA GLU B 167 10.63 11.70 27.61
C GLU B 167 9.85 10.78 26.67
N ALA B 168 9.92 11.07 25.38
CA ALA B 168 9.23 10.27 24.37
C ALA B 168 9.67 8.80 24.46
N TYR B 169 10.98 8.57 24.37
CA TYR B 169 11.53 7.22 24.43
C TYR B 169 10.99 6.44 25.63
N ASN B 170 10.95 7.10 26.80
CA ASN B 170 10.49 6.44 28.01
C ASN B 170 9.01 6.10 28.08
N VAL B 171 8.23 6.60 27.13
CA VAL B 171 6.79 6.32 27.10
C VAL B 171 6.61 4.83 26.79
N ILE B 172 7.40 4.35 25.84
CA ILE B 172 7.35 2.98 25.37
C ILE B 172 7.74 1.95 26.42
N ASN B 173 6.82 1.04 26.74
CA ASN B 173 7.09 -0.01 27.72
C ASN B 173 7.59 -1.18 26.87
N ARG B 174 8.91 -1.32 26.83
CA ARG B 174 9.56 -2.36 26.04
C ARG B 174 9.29 -3.81 26.41
N GLU B 175 9.10 -4.11 27.69
CA GLU B 175 8.83 -5.50 28.09
C GLU B 175 7.43 -5.86 27.64
N LYS B 176 6.49 -4.96 27.91
CA LYS B 176 5.11 -5.18 27.54
C LYS B 176 4.96 -5.26 26.02
N LEU B 177 5.60 -4.34 25.32
CA LEU B 177 5.50 -4.34 23.87
C LEU B 177 5.91 -5.70 23.32
N LEU B 178 7.02 -6.25 23.82
CA LEU B 178 7.51 -7.54 23.36
C LEU B 178 6.48 -8.61 23.66
N GLN B 179 5.95 -8.61 24.88
CA GLN B 179 4.92 -9.58 25.26
C GLN B 179 3.79 -9.49 24.24
N TYR B 180 3.34 -8.27 23.98
CA TYR B 180 2.27 -8.04 23.05
C TYR B 180 2.60 -8.65 21.69
N LEU B 181 3.75 -8.30 21.14
CA LEU B 181 4.16 -8.83 19.84
C LEU B 181 4.11 -10.35 19.83
N TYR B 182 4.53 -10.99 20.91
CA TYR B 182 4.51 -12.44 21.00
C TYR B 182 3.10 -12.98 21.01
N SER B 183 2.18 -12.26 21.67
CA SER B 183 0.81 -12.71 21.75
C SER B 183 0.08 -12.66 20.41
N LEU B 184 0.72 -12.04 19.41
CA LEU B 184 0.12 -11.93 18.09
C LEU B 184 0.79 -12.86 17.08
N LYS B 185 1.99 -13.33 17.43
CA LYS B 185 2.76 -14.21 16.58
C LYS B 185 2.04 -15.53 16.27
N GLN B 186 2.02 -15.89 14.99
CA GLN B 186 1.39 -17.13 14.55
C GLN B 186 2.41 -18.22 14.23
N PRO B 187 1.98 -19.48 14.27
CA PRO B 187 2.86 -20.61 13.99
C PRO B 187 3.53 -20.54 12.62
N ASP B 188 2.82 -19.99 11.64
CA ASP B 188 3.36 -19.90 10.29
C ASP B 188 4.24 -18.69 10.00
N GLY B 189 4.66 -17.98 11.04
CA GLY B 189 5.52 -16.81 10.88
C GLY B 189 4.83 -15.46 10.78
N SER B 190 3.51 -15.47 10.54
CA SER B 190 2.78 -14.22 10.43
C SER B 190 2.36 -13.69 11.80
N PHE B 191 1.76 -12.50 11.80
CA PHE B 191 1.27 -11.87 13.04
C PHE B 191 -0.18 -11.41 12.88
N LEU B 192 -0.93 -11.40 13.97
CA LEU B 192 -2.30 -10.89 13.90
C LEU B 192 -2.14 -9.37 14.01
N MET B 193 -3.09 -8.60 13.49
CA MET B 193 -2.99 -7.13 13.58
C MET B 193 -3.28 -6.72 15.02
N HIS B 194 -4.07 -7.53 15.70
CA HIS B 194 -4.47 -7.31 17.09
C HIS B 194 -5.20 -8.57 17.58
N VAL B 195 -5.44 -8.66 18.88
CA VAL B 195 -6.11 -9.83 19.44
C VAL B 195 -7.49 -10.06 18.84
N GLY B 196 -7.72 -11.28 18.37
CA GLY B 196 -9.00 -11.61 17.76
C GLY B 196 -9.12 -10.99 16.38
N GLY B 197 -8.04 -10.41 15.89
CA GLY B 197 -8.06 -9.77 14.59
C GLY B 197 -7.51 -10.59 13.42
N GLU B 198 -7.46 -9.94 12.25
CA GLU B 198 -6.98 -10.58 11.03
C GLU B 198 -5.46 -10.54 10.84
N VAL B 199 -4.99 -11.27 9.84
CA VAL B 199 -3.57 -11.35 9.50
C VAL B 199 -3.27 -10.90 8.07
N ASP B 200 -2.25 -10.06 7.91
CA ASP B 200 -1.82 -9.63 6.59
C ASP B 200 -0.42 -9.04 6.71
N VAL B 201 0.25 -8.88 5.57
CA VAL B 201 1.62 -8.40 5.56
C VAL B 201 1.88 -7.12 6.37
N ARG B 202 0.87 -6.27 6.54
CA ARG B 202 1.05 -5.05 7.32
C ARG B 202 1.56 -5.35 8.74
N SER B 203 1.02 -6.40 9.36
CA SER B 203 1.41 -6.75 10.72
C SER B 203 2.90 -7.11 10.81
N ALA B 204 3.41 -7.81 9.80
CA ALA B 204 4.82 -8.20 9.76
C ALA B 204 5.68 -6.95 9.87
N TYR B 205 5.40 -5.98 9.01
CA TYR B 205 6.13 -4.71 9.00
C TYR B 205 5.98 -3.90 10.29
N CYS B 206 4.75 -3.75 10.79
CA CYS B 206 4.52 -2.99 12.02
C CYS B 206 5.34 -3.57 13.15
N ALA B 207 5.37 -4.89 13.25
CA ALA B 207 6.10 -5.56 14.31
C ALA B 207 7.61 -5.35 14.14
N ALA B 208 8.12 -5.65 12.95
CA ALA B 208 9.54 -5.51 12.66
C ALA B 208 10.02 -4.08 12.91
N SER B 209 9.18 -3.12 12.53
CA SER B 209 9.49 -1.70 12.68
C SER B 209 9.66 -1.26 14.13
N VAL B 210 8.69 -1.59 14.98
CA VAL B 210 8.76 -1.22 16.39
C VAL B 210 9.74 -2.06 17.20
N ALA B 211 9.88 -3.33 16.83
CA ALA B 211 10.79 -4.22 17.54
C ALA B 211 12.25 -3.89 17.27
N SER B 212 12.54 -3.42 16.06
CA SER B 212 13.92 -3.08 15.73
C SER B 212 14.29 -1.75 16.35
N LEU B 213 13.44 -0.74 16.19
CA LEU B 213 13.71 0.57 16.76
C LEU B 213 13.91 0.51 18.28
N THR B 214 13.08 -0.25 18.99
CA THR B 214 13.21 -0.34 20.45
C THR B 214 14.15 -1.44 20.90
N ASN B 215 14.73 -2.16 19.95
CA ASN B 215 15.65 -3.23 20.27
C ASN B 215 15.06 -4.22 21.27
N ILE B 216 14.03 -4.95 20.84
CA ILE B 216 13.40 -5.96 21.68
C ILE B 216 13.33 -7.24 20.87
N ILE B 217 14.05 -7.25 19.75
CA ILE B 217 14.06 -8.40 18.85
C ILE B 217 14.85 -9.58 19.42
N THR B 218 14.14 -10.61 19.85
CA THR B 218 14.77 -11.81 20.39
C THR B 218 15.10 -12.76 19.23
N PRO B 219 15.81 -13.86 19.51
CA PRO B 219 16.20 -14.83 18.48
C PRO B 219 15.06 -15.53 17.73
N ASP B 220 13.92 -15.70 18.39
CA ASP B 220 12.81 -16.41 17.77
C ASP B 220 11.58 -15.60 17.39
N LEU B 221 11.53 -14.32 17.78
CA LEU B 221 10.38 -13.47 17.48
C LEU B 221 9.92 -13.55 16.02
N PHE B 222 10.83 -13.30 15.09
CA PHE B 222 10.48 -13.32 13.67
C PHE B 222 10.81 -14.60 12.91
N GLU B 223 10.79 -15.71 13.63
CA GLU B 223 11.08 -16.99 13.02
C GLU B 223 9.96 -17.35 12.07
N GLY B 224 10.31 -17.56 10.81
CA GLY B 224 9.32 -17.91 9.81
C GLY B 224 8.68 -16.69 9.17
N THR B 225 8.87 -15.52 9.77
CA THR B 225 8.28 -14.31 9.23
C THR B 225 8.78 -14.01 7.82
N ALA B 226 10.10 -14.10 7.61
CA ALA B 226 10.64 -13.82 6.29
C ALA B 226 10.04 -14.76 5.25
N GLU B 227 9.87 -16.02 5.61
CA GLU B 227 9.32 -16.99 4.68
C GLU B 227 7.86 -16.70 4.38
N TRP B 228 7.11 -16.30 5.42
CA TRP B 228 5.71 -16.00 5.22
C TRP B 228 5.56 -14.79 4.29
N ILE B 229 6.39 -13.76 4.51
CA ILE B 229 6.32 -12.57 3.66
C ILE B 229 6.62 -12.96 2.21
N ALA B 230 7.66 -13.76 2.03
CA ALA B 230 8.06 -14.21 0.70
C ALA B 230 6.89 -14.90 -0.01
N ARG B 231 6.05 -15.58 0.75
CA ARG B 231 4.91 -16.28 0.18
C ARG B 231 3.88 -15.31 -0.37
N CYS B 232 3.95 -14.06 0.06
CA CYS B 232 2.99 -13.06 -0.40
C CYS B 232 3.35 -12.48 -1.76
N GLN B 233 4.57 -12.73 -2.23
CA GLN B 233 4.96 -12.23 -3.54
C GLN B 233 4.26 -13.13 -4.57
N ASN B 234 3.63 -12.53 -5.56
CA ASN B 234 2.92 -13.34 -6.55
C ASN B 234 3.51 -13.30 -7.95
N TRP B 235 2.76 -13.87 -8.90
CA TRP B 235 3.17 -13.94 -10.29
C TRP B 235 3.43 -12.58 -10.94
N GLU B 236 3.01 -11.51 -10.27
CA GLU B 236 3.19 -10.15 -10.80
C GLU B 236 4.53 -9.53 -10.44
N GLY B 237 5.20 -10.10 -9.46
CA GLY B 237 6.48 -9.56 -9.03
C GLY B 237 6.28 -8.82 -7.73
N GLY B 238 5.09 -8.25 -7.56
CA GLY B 238 4.78 -7.50 -6.35
C GLY B 238 4.29 -8.39 -5.22
N ILE B 239 3.94 -7.77 -4.09
CA ILE B 239 3.47 -8.49 -2.92
C ILE B 239 2.01 -8.18 -2.61
N GLY B 240 1.28 -9.20 -2.15
CA GLY B 240 -0.12 -9.05 -1.82
C GLY B 240 -0.36 -9.11 -0.32
N GLY B 241 -1.57 -8.77 0.14
CA GLY B 241 -1.85 -8.79 1.57
C GLY B 241 -1.54 -10.11 2.24
N VAL B 242 -2.02 -11.18 1.65
CA VAL B 242 -1.79 -12.54 2.15
C VAL B 242 -1.49 -13.39 0.93
N PRO B 243 -0.84 -14.55 1.13
CA PRO B 243 -0.49 -15.43 0.01
C PRO B 243 -1.64 -15.57 -0.97
N GLY B 244 -1.35 -15.34 -2.25
CA GLY B 244 -2.36 -15.48 -3.29
C GLY B 244 -3.12 -14.25 -3.75
N MET B 245 -2.95 -13.12 -3.06
CA MET B 245 -3.66 -11.90 -3.43
C MET B 245 -2.93 -11.00 -4.43
N GLU B 246 -3.71 -10.23 -5.18
CA GLU B 246 -3.18 -9.31 -6.17
C GLU B 246 -2.08 -8.43 -5.58
N ALA B 247 -1.05 -8.18 -6.37
CA ALA B 247 0.07 -7.36 -5.93
C ALA B 247 -0.40 -5.93 -5.66
N HIS B 248 -0.05 -5.41 -4.49
CA HIS B 248 -0.45 -4.05 -4.12
C HIS B 248 0.70 -3.25 -3.52
N GLY B 249 0.80 -2.00 -3.96
CA GLY B 249 1.86 -1.13 -3.48
C GLY B 249 1.99 -1.01 -1.97
N GLY B 250 0.89 -0.83 -1.27
CA GLY B 250 0.97 -0.70 0.17
C GLY B 250 1.54 -1.92 0.87
N TYR B 251 1.05 -3.09 0.49
CA TYR B 251 1.52 -4.33 1.09
C TYR B 251 2.94 -4.65 0.65
N THR B 252 3.26 -4.32 -0.60
CA THR B 252 4.59 -4.58 -1.13
C THR B 252 5.61 -3.80 -0.30
N PHE B 253 5.36 -2.52 -0.09
CA PHE B 253 6.28 -1.72 0.69
C PHE B 253 6.44 -2.38 2.04
N CYS B 254 5.33 -2.80 2.63
CA CYS B 254 5.34 -3.46 3.94
C CYS B 254 6.19 -4.71 3.97
N GLY B 255 6.07 -5.53 2.94
CA GLY B 255 6.83 -6.77 2.84
C GLY B 255 8.31 -6.55 2.65
N LEU B 256 8.67 -5.69 1.71
CA LEU B 256 10.07 -5.41 1.45
C LEU B 256 10.71 -4.72 2.66
N ALA B 257 10.05 -3.69 3.18
CA ALA B 257 10.58 -2.96 4.32
C ALA B 257 10.84 -3.90 5.51
N ALA B 258 9.92 -4.83 5.73
CA ALA B 258 10.08 -5.77 6.84
C ALA B 258 11.28 -6.66 6.55
N LEU B 259 11.36 -7.18 5.34
CA LEU B 259 12.47 -8.04 4.98
C LEU B 259 13.80 -7.29 5.16
N VAL B 260 13.83 -6.03 4.74
CA VAL B 260 15.03 -5.23 4.88
C VAL B 260 15.43 -5.14 6.35
N ILE B 261 14.44 -5.01 7.23
CA ILE B 261 14.72 -4.93 8.65
C ILE B 261 15.28 -6.27 9.15
N LEU B 262 14.74 -7.37 8.61
CA LEU B 262 15.15 -8.72 8.98
C LEU B 262 16.39 -9.18 8.20
N LYS B 263 16.80 -8.38 7.22
CA LYS B 263 17.94 -8.72 6.40
C LYS B 263 17.66 -10.01 5.63
N LYS B 264 16.49 -10.07 5.00
CA LYS B 264 16.08 -11.23 4.23
C LYS B 264 15.52 -10.82 2.86
N GLU B 265 15.89 -9.63 2.39
CA GLU B 265 15.40 -9.14 1.09
C GLU B 265 15.54 -10.20 0.02
N ARG B 266 16.63 -10.96 0.09
CA ARG B 266 16.91 -11.98 -0.89
C ARG B 266 15.86 -13.08 -0.94
N SER B 267 15.08 -13.22 0.12
CA SER B 267 14.05 -14.25 0.14
C SER B 267 13.09 -13.99 -1.02
N LEU B 268 13.10 -12.77 -1.52
CA LEU B 268 12.21 -12.41 -2.62
C LEU B 268 12.94 -12.47 -3.94
N ASN B 269 12.15 -12.50 -5.02
CA ASN B 269 12.68 -12.48 -6.36
C ASN B 269 12.75 -10.97 -6.64
N LEU B 270 13.78 -10.32 -6.10
CA LEU B 270 13.96 -8.88 -6.27
C LEU B 270 13.81 -8.35 -7.70
N LYS B 271 14.18 -9.16 -8.68
CA LYS B 271 14.09 -8.75 -10.07
C LYS B 271 12.65 -8.57 -10.55
N SER B 272 11.82 -9.60 -10.35
CA SER B 272 10.44 -9.51 -10.79
C SER B 272 9.74 -8.39 -10.03
N LEU B 273 10.17 -8.17 -8.79
CA LEU B 273 9.59 -7.10 -7.97
C LEU B 273 9.96 -5.76 -8.58
N LEU B 274 11.26 -5.54 -8.80
CA LEU B 274 11.72 -4.29 -9.38
C LEU B 274 10.99 -3.97 -10.68
N GLN B 275 10.75 -4.99 -11.49
CA GLN B 275 10.05 -4.76 -12.75
C GLN B 275 8.59 -4.36 -12.48
N TRP B 276 7.99 -4.98 -11.48
CA TRP B 276 6.60 -4.68 -11.12
C TRP B 276 6.41 -3.26 -10.60
N VAL B 277 7.25 -2.83 -9.67
CA VAL B 277 7.08 -1.49 -9.15
C VAL B 277 7.36 -0.41 -10.21
N THR B 278 8.43 -0.58 -10.98
CA THR B 278 8.77 0.39 -12.02
C THR B 278 7.61 0.58 -13.02
N SER B 279 6.80 -0.47 -13.20
CA SER B 279 5.67 -0.41 -14.11
C SER B 279 4.46 0.24 -13.46
N ARG B 280 4.56 0.54 -12.17
CA ARG B 280 3.46 1.15 -11.44
C ARG B 280 3.44 2.68 -11.56
N GLN B 281 4.47 3.25 -12.17
CA GLN B 281 4.50 4.69 -12.38
C GLN B 281 3.73 4.94 -13.68
N MET B 282 2.78 5.87 -13.65
CA MET B 282 1.97 6.18 -14.82
C MET B 282 2.78 6.96 -15.86
N ARG B 283 2.74 6.51 -17.10
CA ARG B 283 3.51 7.17 -18.16
C ARG B 283 3.00 8.59 -18.43
N PHE B 284 1.69 8.80 -18.30
CA PHE B 284 1.15 10.12 -18.53
C PHE B 284 1.11 11.01 -17.29
N GLU B 285 0.43 10.56 -16.24
CA GLU B 285 0.30 11.34 -15.02
C GLU B 285 1.62 11.62 -14.30
N GLY B 286 2.48 10.62 -14.21
CA GLY B 286 3.76 10.79 -13.55
C GLY B 286 3.82 10.18 -12.16
N GLY B 287 2.68 10.09 -11.49
CA GLY B 287 2.62 9.49 -10.17
C GLY B 287 2.45 7.98 -10.29
N PHE B 288 2.31 7.29 -9.17
CA PHE B 288 2.15 5.85 -9.19
C PHE B 288 0.73 5.39 -8.92
N GLN B 289 0.42 4.19 -9.40
CA GLN B 289 -0.87 3.55 -9.21
C GLN B 289 -0.58 2.50 -8.13
N GLY B 290 -1.61 2.04 -7.43
CA GLY B 290 -1.42 1.06 -6.38
C GLY B 290 -1.25 -0.35 -6.90
N ARG B 291 -1.93 -0.63 -8.01
CA ARG B 291 -1.86 -1.92 -8.65
C ARG B 291 -2.22 -1.78 -10.12
N CYS B 292 -1.71 -2.70 -10.93
CA CYS B 292 -1.92 -2.70 -12.37
C CYS B 292 -3.37 -2.43 -12.79
N ASN B 293 -3.53 -1.52 -13.73
CA ASN B 293 -4.83 -1.13 -14.26
C ASN B 293 -5.79 -0.37 -13.35
N LYS B 294 -5.24 0.34 -12.37
CA LYS B 294 -6.05 1.17 -11.48
C LYS B 294 -5.59 2.64 -11.63
N LEU B 295 -6.14 3.53 -10.82
CA LEU B 295 -5.81 4.94 -10.94
C LEU B 295 -4.62 5.39 -10.13
N VAL B 296 -3.98 6.45 -10.59
CA VAL B 296 -2.83 7.03 -9.92
C VAL B 296 -3.32 7.57 -8.58
N ASP B 297 -2.43 7.61 -7.61
CA ASP B 297 -2.78 8.12 -6.29
C ASP B 297 -1.54 8.67 -5.62
N GLY B 298 -1.62 9.95 -5.24
CA GLY B 298 -0.51 10.64 -4.60
C GLY B 298 0.17 9.94 -3.45
N CYS B 299 -0.56 9.18 -2.64
CA CYS B 299 0.08 8.52 -1.51
C CYS B 299 1.04 7.42 -1.95
N TYR B 300 0.83 6.90 -3.16
CA TYR B 300 1.72 5.86 -3.66
C TYR B 300 3.06 6.46 -4.04
N SER B 301 3.13 7.79 -4.00
CA SER B 301 4.38 8.46 -4.28
C SER B 301 5.36 7.92 -3.23
N PHE B 302 4.82 7.36 -2.15
CA PHE B 302 5.66 6.79 -1.13
C PHE B 302 5.67 5.26 -1.13
N TRP B 303 4.52 4.64 -0.91
CA TRP B 303 4.47 3.19 -0.88
C TRP B 303 5.16 2.54 -2.09
N GLN B 304 4.89 3.05 -3.29
CA GLN B 304 5.51 2.49 -4.48
C GLN B 304 6.94 3.03 -4.69
N ALA B 305 7.06 4.33 -4.95
CA ALA B 305 8.38 4.93 -5.16
C ALA B 305 9.36 4.69 -4.03
N GLY B 306 8.85 4.52 -2.80
CA GLY B 306 9.73 4.30 -1.66
C GLY B 306 10.39 2.94 -1.73
N LEU B 307 9.90 2.10 -2.64
CA LEU B 307 10.47 0.76 -2.81
C LEU B 307 11.81 0.79 -3.50
N LEU B 308 11.98 1.71 -4.43
CA LEU B 308 13.23 1.82 -5.19
C LEU B 308 14.44 2.03 -4.30
N PRO B 309 14.34 2.88 -3.28
CA PRO B 309 15.51 3.08 -2.42
C PRO B 309 15.81 1.74 -1.73
N LEU B 310 14.76 1.02 -1.36
CA LEU B 310 14.91 -0.25 -0.70
C LEU B 310 15.61 -1.26 -1.62
N LEU B 311 15.17 -1.29 -2.87
CA LEU B 311 15.74 -2.18 -3.86
C LEU B 311 17.18 -1.80 -4.17
N HIS B 312 17.43 -0.52 -4.38
CA HIS B 312 18.79 -0.06 -4.66
C HIS B 312 19.76 -0.56 -3.58
N ARG B 313 19.31 -0.48 -2.33
CA ARG B 313 20.13 -0.93 -1.20
C ARG B 313 20.34 -2.44 -1.21
N ALA B 314 19.31 -3.19 -1.56
CA ALA B 314 19.41 -4.64 -1.59
C ALA B 314 20.30 -5.11 -2.73
N LEU B 315 20.01 -4.61 -3.93
CA LEU B 315 20.80 -4.98 -5.10
C LEU B 315 22.26 -4.58 -4.91
N HIS B 316 22.47 -3.41 -4.33
CA HIS B 316 23.83 -2.93 -4.10
C HIS B 316 24.49 -3.86 -3.09
N ALA B 317 23.73 -4.29 -2.09
CA ALA B 317 24.26 -5.19 -1.07
C ALA B 317 24.80 -6.44 -1.77
N GLN B 318 24.17 -6.80 -2.88
CA GLN B 318 24.56 -7.96 -3.66
C GLN B 318 25.68 -7.62 -4.64
N GLY B 319 26.24 -6.42 -4.53
CA GLY B 319 27.32 -6.03 -5.41
C GLY B 319 26.90 -5.65 -6.83
N ASP B 320 25.60 -5.59 -7.10
CA ASP B 320 25.13 -5.24 -8.44
C ASP B 320 25.91 -4.03 -8.97
N PRO B 321 26.64 -4.22 -10.08
CA PRO B 321 27.44 -3.15 -10.70
C PRO B 321 26.72 -2.23 -11.70
N ALA B 322 25.50 -2.57 -12.07
CA ALA B 322 24.76 -1.75 -13.04
C ALA B 322 24.00 -0.57 -12.41
N LEU B 323 23.72 -0.65 -11.11
CA LEU B 323 22.99 0.40 -10.40
C LEU B 323 23.49 1.81 -10.64
N SER B 324 22.56 2.74 -10.91
CA SER B 324 22.92 4.14 -11.10
C SER B 324 23.56 4.65 -9.84
N MET B 325 24.25 5.79 -9.93
CA MET B 325 24.87 6.36 -8.74
C MET B 325 24.37 7.76 -8.44
N SER B 326 23.23 8.13 -9.04
CA SER B 326 22.64 9.44 -8.82
C SER B 326 21.12 9.48 -8.96
N HIS B 327 20.49 8.33 -9.17
CA HIS B 327 19.04 8.28 -9.33
C HIS B 327 18.44 6.94 -8.92
N TRP B 328 17.17 6.96 -8.49
CA TRP B 328 16.47 5.73 -8.13
C TRP B 328 15.92 5.22 -9.45
N MET B 329 15.48 3.97 -9.49
CA MET B 329 14.96 3.47 -10.74
C MET B 329 13.50 3.80 -11.07
N PHE B 330 13.20 5.10 -11.01
CA PHE B 330 11.89 5.64 -11.35
C PHE B 330 12.08 7.08 -11.80
N HIS B 331 11.13 7.60 -12.58
CA HIS B 331 11.22 8.97 -13.09
C HIS B 331 11.02 10.00 -11.97
N GLN B 332 12.11 10.33 -11.27
CA GLN B 332 12.07 11.29 -10.17
C GLN B 332 11.42 12.62 -10.53
N GLN B 333 11.86 13.22 -11.64
CA GLN B 333 11.30 14.48 -12.08
C GLN B 333 9.78 14.38 -12.29
N ALA B 334 9.34 13.37 -13.03
CA ALA B 334 7.92 13.21 -13.30
C ALA B 334 7.06 13.03 -12.05
N LEU B 335 7.61 12.41 -11.01
CA LEU B 335 6.84 12.22 -9.78
C LEU B 335 6.68 13.56 -9.06
N GLN B 336 7.74 14.35 -9.02
CA GLN B 336 7.68 15.65 -8.38
C GLN B 336 6.69 16.56 -9.10
N GLU B 337 6.63 16.43 -10.42
CA GLU B 337 5.70 17.23 -11.18
C GLU B 337 4.26 16.84 -10.86
N TYR B 338 3.99 15.54 -10.70
CA TYR B 338 2.64 15.10 -10.39
C TYR B 338 2.19 15.64 -9.04
N ILE B 339 3.03 15.42 -8.02
CA ILE B 339 2.75 15.87 -6.67
C ILE B 339 2.57 17.37 -6.63
N LEU B 340 3.58 18.09 -7.12
CA LEU B 340 3.56 19.54 -7.10
C LEU B 340 2.41 20.19 -7.87
N MET B 341 2.15 19.73 -9.09
CA MET B 341 1.08 20.33 -9.88
C MET B 341 -0.31 19.78 -9.66
N CYS B 342 -0.43 18.50 -9.29
CA CYS B 342 -1.74 17.89 -9.12
C CYS B 342 -2.18 17.47 -7.73
N CYS B 343 -1.28 17.54 -6.74
CA CYS B 343 -1.64 17.08 -5.41
C CYS B 343 -1.70 18.09 -4.27
N GLN B 344 -1.51 19.37 -4.55
CA GLN B 344 -1.57 20.35 -3.48
C GLN B 344 -2.92 21.04 -3.41
N CYS B 345 -3.43 21.18 -2.19
CA CYS B 345 -4.68 21.88 -1.98
C CYS B 345 -4.23 23.33 -1.77
N PRO B 346 -4.81 24.26 -2.53
CA PRO B 346 -4.40 25.66 -2.37
C PRO B 346 -4.57 26.17 -0.95
N ALA B 347 -5.55 25.63 -0.25
CA ALA B 347 -5.80 26.04 1.14
C ALA B 347 -4.82 25.38 2.11
N GLY B 348 -4.00 24.47 1.60
CA GLY B 348 -3.04 23.77 2.44
C GLY B 348 -3.34 22.29 2.51
N GLY B 349 -2.31 21.46 2.63
CA GLY B 349 -2.52 20.02 2.69
C GLY B 349 -2.43 19.42 1.29
N LEU B 350 -2.18 18.11 1.21
CA LEU B 350 -2.08 17.48 -0.10
C LEU B 350 -3.12 16.40 -0.31
N LEU B 351 -3.16 15.84 -1.51
CA LEU B 351 -4.19 14.85 -1.81
C LEU B 351 -3.92 13.74 -2.82
N ASP B 352 -4.89 12.83 -2.87
CA ASP B 352 -4.94 11.68 -3.75
C ASP B 352 -4.69 12.11 -5.20
N LYS B 353 -5.63 12.85 -5.76
CA LYS B 353 -5.53 13.31 -7.13
C LYS B 353 -6.46 14.51 -7.30
N PRO B 354 -6.32 15.27 -8.41
CA PRO B 354 -7.19 16.43 -8.62
C PRO B 354 -8.65 16.07 -8.47
N GLY B 355 -9.35 16.83 -7.64
CA GLY B 355 -10.76 16.56 -7.42
C GLY B 355 -11.04 15.94 -6.07
N LYS B 356 -10.04 15.28 -5.49
CA LYS B 356 -10.21 14.64 -4.18
C LYS B 356 -9.96 15.67 -3.09
N SER B 357 -10.54 15.46 -1.91
CA SER B 357 -10.36 16.40 -0.81
C SER B 357 -9.12 16.04 -0.02
N ARG B 358 -8.50 17.05 0.57
CA ARG B 358 -7.29 16.86 1.36
C ARG B 358 -7.51 16.11 2.67
N ASP B 359 -6.45 15.49 3.15
CA ASP B 359 -6.48 14.79 4.42
C ASP B 359 -5.04 14.64 4.88
N PHE B 360 -4.86 14.33 6.16
CA PHE B 360 -3.51 14.23 6.67
C PHE B 360 -2.72 13.03 6.17
N TYR B 361 -3.42 11.94 5.83
CA TYR B 361 -2.75 10.76 5.31
C TYR B 361 -2.02 11.12 4.03
N HIS B 362 -2.73 11.73 3.09
CA HIS B 362 -2.13 12.11 1.84
C HIS B 362 -1.11 13.24 1.97
N THR B 363 -1.25 14.04 3.01
CA THR B 363 -0.32 15.12 3.22
C THR B 363 1.00 14.48 3.60
N CYS B 364 0.91 13.52 4.51
CA CYS B 364 2.07 12.80 5.00
C CYS B 364 2.81 12.05 3.90
N TYR B 365 2.08 11.26 3.13
CA TYR B 365 2.70 10.46 2.09
C TYR B 365 3.03 11.18 0.80
N CYS B 366 2.26 12.19 0.43
CA CYS B 366 2.60 12.93 -0.78
C CYS B 366 3.95 13.60 -0.54
N LEU B 367 4.13 14.13 0.67
CA LEU B 367 5.37 14.80 1.04
C LEU B 367 6.52 13.81 1.19
N SER B 368 6.27 12.66 1.81
CA SER B 368 7.31 11.64 1.97
C SER B 368 7.82 11.24 0.57
N GLY B 369 6.90 11.02 -0.35
CA GLY B 369 7.27 10.64 -1.70
C GLY B 369 8.08 11.75 -2.35
N LEU B 370 7.63 12.98 -2.19
CA LEU B 370 8.35 14.11 -2.77
C LEU B 370 9.80 14.12 -2.28
N SER B 371 9.98 13.92 -0.97
CA SER B 371 11.31 13.91 -0.37
C SER B 371 12.17 12.82 -1.02
N ILE B 372 11.62 11.62 -1.08
CA ILE B 372 12.33 10.49 -1.67
C ILE B 372 12.72 10.77 -3.12
N ALA B 373 11.81 11.37 -3.88
CA ALA B 373 12.07 11.68 -5.28
C ALA B 373 13.08 12.82 -5.46
N GLN B 374 13.35 13.56 -4.40
CA GLN B 374 14.29 14.67 -4.45
C GLN B 374 15.69 14.25 -3.99
N HIS B 375 15.75 13.25 -3.12
CA HIS B 375 17.02 12.82 -2.59
C HIS B 375 17.47 11.41 -2.90
N PHE B 376 18.62 11.33 -3.57
CA PHE B 376 19.23 10.06 -3.90
C PHE B 376 20.42 9.88 -2.96
N GLY B 377 20.52 8.72 -2.33
CA GLY B 377 21.62 8.48 -1.42
C GLY B 377 22.05 7.03 -1.37
N SER B 378 23.32 6.78 -1.72
CA SER B 378 23.87 5.42 -1.72
C SER B 378 25.26 5.43 -1.08
N GLY B 379 25.30 5.65 0.23
CA GLY B 379 26.58 5.69 0.93
C GLY B 379 27.23 7.05 0.76
N ALA B 380 28.33 7.08 0.01
CA ALA B 380 29.06 8.32 -0.23
C ALA B 380 28.35 9.19 -1.27
N MET B 381 27.82 8.54 -2.30
CA MET B 381 27.12 9.23 -3.38
C MET B 381 25.86 9.96 -2.88
N LEU B 382 25.69 11.20 -3.32
CA LEU B 382 24.53 12.00 -2.93
C LEU B 382 24.15 13.00 -4.03
N HIS B 383 23.07 12.70 -4.75
CA HIS B 383 22.61 13.56 -5.83
C HIS B 383 21.15 13.97 -5.62
N ASP B 384 20.86 15.26 -5.73
CA ASP B 384 19.51 15.76 -5.57
C ASP B 384 18.89 16.21 -6.86
N VAL B 385 17.57 16.25 -6.87
CA VAL B 385 16.80 16.71 -8.02
C VAL B 385 15.61 17.43 -7.40
N VAL B 386 15.63 18.75 -7.47
CA VAL B 386 14.54 19.53 -6.91
C VAL B 386 13.81 20.29 -8.01
N MET B 387 12.61 19.84 -8.34
CA MET B 387 11.83 20.49 -9.37
C MET B 387 11.21 21.76 -8.78
N GLY B 388 10.92 22.72 -9.64
CA GLY B 388 10.33 23.97 -9.17
C GLY B 388 11.35 24.80 -8.43
N VAL B 389 10.88 25.72 -7.58
CA VAL B 389 11.79 26.57 -6.82
C VAL B 389 12.57 25.75 -5.80
N PRO B 390 13.82 26.16 -5.51
CA PRO B 390 14.68 25.46 -4.56
C PRO B 390 14.08 25.30 -3.18
N GLU B 391 13.28 26.26 -2.75
CA GLU B 391 12.66 26.19 -1.42
C GLU B 391 11.78 24.94 -1.29
N ASN B 392 11.53 24.27 -2.42
CA ASN B 392 10.72 23.06 -2.43
C ASN B 392 11.40 21.86 -1.75
N VAL B 393 12.72 21.90 -1.65
CA VAL B 393 13.46 20.79 -1.05
C VAL B 393 13.03 20.49 0.39
N LEU B 394 12.79 19.22 0.67
CA LEU B 394 12.36 18.79 2.00
C LEU B 394 13.47 18.06 2.73
N GLN B 395 13.21 17.70 3.99
CA GLN B 395 14.19 16.95 4.75
C GLN B 395 14.04 15.51 4.25
N PRO B 396 15.16 14.77 4.17
CA PRO B 396 15.13 13.39 3.69
C PRO B 396 14.38 12.48 4.66
N THR B 397 13.93 11.34 4.16
CA THR B 397 13.21 10.40 5.01
C THR B 397 13.81 9.01 4.86
N HIS B 398 13.85 8.26 5.94
CA HIS B 398 14.37 6.91 5.89
C HIS B 398 13.34 6.02 5.18
N PRO B 399 13.74 5.36 4.07
CA PRO B 399 12.88 4.48 3.27
C PRO B 399 12.26 3.25 3.97
N VAL B 400 12.74 2.91 5.16
CA VAL B 400 12.19 1.76 5.88
C VAL B 400 11.15 2.17 6.91
N TYR B 401 11.46 3.19 7.72
CA TYR B 401 10.56 3.66 8.76
C TYR B 401 9.69 4.86 8.42
N ASN B 402 10.19 5.70 7.51
CA ASN B 402 9.51 6.91 7.06
C ASN B 402 9.48 7.98 8.14
N ILE B 403 10.65 8.18 8.75
CA ILE B 403 10.88 9.21 9.75
C ILE B 403 12.29 9.66 9.41
N GLY B 404 12.71 10.82 9.92
CA GLY B 404 14.03 11.31 9.63
C GLY B 404 15.12 10.27 9.83
N PRO B 405 16.07 10.14 8.87
CA PRO B 405 17.17 9.17 8.96
C PRO B 405 17.89 9.36 10.29
N ASP B 406 17.93 10.63 10.71
CA ASP B 406 18.56 11.04 11.96
C ASP B 406 17.80 10.49 13.14
N LYS B 407 16.47 10.57 13.08
CA LYS B 407 15.60 10.08 14.16
C LYS B 407 15.78 8.58 14.32
N VAL B 408 15.99 7.89 13.20
CA VAL B 408 16.18 6.45 13.21
C VAL B 408 17.45 6.10 13.97
N ILE B 409 18.56 6.71 13.55
CA ILE B 409 19.86 6.46 14.20
C ILE B 409 19.78 6.83 15.68
N GLN B 410 19.31 8.03 15.96
CA GLN B 410 19.20 8.48 17.34
C GLN B 410 18.38 7.50 18.18
N ALA B 411 17.18 7.15 17.69
CA ALA B 411 16.31 6.22 18.40
C ALA B 411 16.99 4.87 18.68
N THR B 412 17.47 4.20 17.64
CA THR B 412 18.11 2.90 17.82
C THR B 412 19.33 3.00 18.75
N THR B 413 20.12 4.05 18.58
CA THR B 413 21.30 4.24 19.43
C THR B 413 20.91 4.36 20.90
N HIS B 414 19.73 4.87 21.17
CA HIS B 414 19.27 5.01 22.54
C HIS B 414 18.81 3.68 23.13
N PHE B 415 18.04 2.92 22.37
CA PHE B 415 17.53 1.64 22.85
C PHE B 415 18.54 0.50 22.79
N LEU B 416 19.61 0.70 22.03
CA LEU B 416 20.62 -0.35 21.95
C LEU B 416 21.41 -0.36 23.24
N GLN B 417 21.27 0.72 24.02
CA GLN B 417 21.95 0.83 25.30
C GLN B 417 21.05 0.28 26.39
N LYS B 418 20.01 -0.45 25.98
CA LYS B 418 19.06 -1.06 26.91
C LYS B 418 19.11 -2.55 26.61
N PRO B 419 18.91 -3.39 27.62
CA PRO B 419 18.95 -4.83 27.37
C PRO B 419 17.67 -5.35 26.73
N VAL B 420 17.80 -6.24 25.74
CA VAL B 420 16.64 -6.82 25.10
C VAL B 420 15.85 -7.55 26.17
N PRO B 421 14.63 -7.08 26.48
CA PRO B 421 13.80 -7.71 27.51
C PRO B 421 14.09 -9.19 27.71
N GLY B 422 14.65 -9.50 28.88
CA GLY B 422 14.99 -10.88 29.20
C GLY B 422 16.49 -11.12 29.22
N PHE B 423 17.19 -10.37 28.37
CA PHE B 423 18.65 -10.44 28.22
C PHE B 423 19.04 -11.55 27.24
ZN ZN C . -4.12 7.47 -1.57
C1 FPP D . -7.86 -0.72 -1.28
O1 FPP D . -8.34 0.59 -1.59
C2 FPP D . -6.40 -0.70 -0.88
C3 FPP D . -5.84 -1.58 0.00
C4 FPP D . -6.60 -2.70 0.68
C5 FPP D . -4.37 -1.53 0.39
C6 FPP D . -4.10 -0.53 1.51
C7 FPP D . -2.79 -0.73 2.26
C8 FPP D . -1.79 0.19 2.28
C10 FPP D . -1.87 1.52 1.57
C9 FPP D . -0.48 0.00 3.03
C11 FPP D . -0.62 -0.13 4.55
C12 FPP D . 0.66 0.20 5.27
C13 FPP D . 0.84 0.16 6.62
C14 FPP D . -0.22 -0.21 7.63
C15 FPP D . 2.15 0.52 7.26
PA FPP D . -8.43 0.92 -3.13
O1A FPP D . -9.22 -0.06 -3.91
O2A FPP D . -9.03 2.34 -3.23
O3A FPP D . -6.93 1.03 -3.59
PB FPP D . -6.32 1.30 -5.00
O1B FPP D . -7.36 1.55 -6.04
O2B FPP D . -5.48 0.02 -5.27
O3B FPP D . -5.35 2.49 -4.80
CAJ BMV E . -4.40 2.57 7.23
CAF BMV E . -3.28 2.99 7.94
CAE BMV E . -2.10 3.30 7.26
CAG BMV E . -2.07 3.21 5.87
CAK BMV E . -3.19 2.80 5.16
CAZ BMV E . -4.36 2.48 5.84
CAR BMV E . -5.62 2.06 5.07
CBE BMV E . -6.54 3.26 4.83
CAU BMV E . -5.98 4.11 3.69
NBF BMV E . -6.85 5.26 3.36
CAS BMV E . -7.68 5.10 2.15
CBA BMV E . -6.93 5.54 0.89
CAP BMV E . -5.79 6.22 0.85
NAV BMV E . -5.49 6.44 -0.43
CAO BMV E . -6.44 5.90 -1.18
NAW BMV E . -7.33 5.34 -0.36
CBD BMV E . -7.02 6.30 4.17
CAN BMV E . -7.49 7.45 3.54
CAM BMV E . -7.43 8.67 4.19
CAY BMV E . -6.90 8.76 5.48
CAD BMV E . -6.75 10.04 6.11
NAA BMV E . -6.63 11.05 6.61
CAQ BMV E . -6.44 7.61 6.11
CBB BMV E . -6.50 6.39 5.46
CAT BMV E . -5.99 5.24 6.33
NBG BMV E . -6.68 3.95 6.13
SBH BMV E . -8.18 3.84 6.76
OAB BMV E . -8.62 2.41 6.71
OAC BMV E . -8.13 4.26 8.20
CBC BMV E . -9.35 4.81 5.89
CAL BMV E . -10.01 4.44 4.79
CAH BMV E . -10.94 5.30 4.39
CAI BMV E . -11.11 6.40 5.14
SAX BMV E . -9.99 6.31 6.42
C ACY F . -9.99 19.08 9.77
O ACY F . -11.07 18.70 9.13
OXT ACY F . -9.83 19.19 11.04
CH3 ACY F . -8.83 19.42 8.85
#